data_5A5G
#
_entry.id   5A5G
#
_cell.length_a   113.043
_cell.length_b   98.118
_cell.length_c   108.757
_cell.angle_alpha   90.00
_cell.angle_beta   101.51
_cell.angle_gamma   90.00
#
_symmetry.space_group_name_H-M   'C 1 2 1'
#
loop_
_entity.id
_entity.type
_entity.pdbx_description
1 polymer 'FORMATE--TETRAHYDROFOLATE LIGASE'
2 non-polymer 'POTASSIUM ION'
3 non-polymer GLYCEROL
4 non-polymer DI(HYDROXYETHYL)ETHER
5 water water
#
_entity_poly.entity_id   1
_entity_poly.type   'polypeptide(L)'
_entity_poly.pdbx_seq_one_letter_code
;KSDIEIAQSVKLQDIREIAAKLGLTEDDIDLYGKYKAKVDYNLLNNCNGKKAKLILTTAITPTPAGEGKTTTTIGAADAL
TRLGKKTIVALREPSLGPVFGIKGGAAGGGYAQVVPMEDINLHFTGDIHAITAANNLLAAMVDNHIFQGNQLNIDTRRVV
WRRAVDINDRQLRFVIDGLGGKANGVPREDGFDITVASEVMAIFCLANDIMDLKERLAKIVVAYDREGKPVTAGDLKAQG
AMAALLKDALKPNLVQTLEGTPAFVHGGPFANIAHGCNSVIATKMAMHLADYVVTEAGFGADLGAEKFIDIKCRLAGLKP
DAVIIVATVRALKYNGGLAKADLEKEDLNALAKGIPNLLKHVENITQVFKLPAVVAINRFPQDTEAELKLVEDRCNELGV
NVALSEVWAKGGEGGIALAEELIRLTEDNKASNKGLAYVYELDMPIEEKIRAISQKIYGADDVMFTDKALKEIANLEKLG
FGKMPVCIAKTQYSLTDDPKKLGRPSGFNITVRDVSVSAGAGFIVAVTGDIMKMPGLPKVPAAEKIDVDEKGVISGLF
;
_entity_poly.pdbx_strand_id   A,B
#
# COMPACT_ATOMS: atom_id res chain seq x y z
N LYS A 1 -6.94 31.10 -11.79
CA LYS A 1 -7.45 29.69 -11.71
C LYS A 1 -6.37 28.76 -11.16
N SER A 2 -6.72 27.95 -10.16
CA SER A 2 -5.75 27.06 -9.49
C SER A 2 -5.46 25.81 -10.31
N ASP A 3 -4.32 25.17 -10.02
CA ASP A 3 -3.86 23.98 -10.75
C ASP A 3 -4.86 22.81 -10.73
N ILE A 4 -5.49 22.58 -9.58
CA ILE A 4 -6.50 21.52 -9.43
C ILE A 4 -7.77 21.84 -10.22
N GLU A 5 -8.17 23.11 -10.22
CA GLU A 5 -9.34 23.53 -10.97
C GLU A 5 -9.11 23.34 -12.47
N ILE A 6 -7.91 23.67 -12.95
CA ILE A 6 -7.56 23.47 -14.36
C ILE A 6 -7.52 21.99 -14.71
N ALA A 7 -6.99 21.17 -13.78
CA ALA A 7 -6.91 19.72 -13.97
C ALA A 7 -8.30 19.07 -13.91
N GLN A 8 -9.25 19.72 -13.22
CA GLN A 8 -10.63 19.24 -13.11
C GLN A 8 -11.58 19.90 -14.10
N SER A 9 -11.13 20.95 -14.79
CA SER A 9 -11.95 21.62 -15.79
C SER A 9 -11.66 21.14 -17.22
N VAL A 10 -10.57 20.40 -17.40
CA VAL A 10 -10.23 19.87 -18.72
C VAL A 10 -10.79 18.46 -18.85
N LYS A 11 -11.47 18.20 -19.97
CA LYS A 11 -11.99 16.87 -20.26
C LYS A 11 -10.86 15.99 -20.76
N LEU A 12 -10.59 14.90 -20.03
CA LEU A 12 -9.47 14.03 -20.37
C LEU A 12 -9.90 12.94 -21.35
N GLN A 13 -8.95 12.51 -22.17
CA GLN A 13 -9.20 11.40 -23.08
C GLN A 13 -9.05 10.09 -22.33
N ASP A 14 -9.98 9.18 -22.57
CA ASP A 14 -9.86 7.79 -22.16
C ASP A 14 -8.43 7.31 -22.43
N ILE A 15 -7.81 6.67 -21.44
CA ILE A 15 -6.41 6.26 -21.54
C ILE A 15 -6.20 5.26 -22.68
N ARG A 16 -7.24 4.52 -23.05
CA ARG A 16 -7.17 3.63 -24.20
C ARG A 16 -6.91 4.39 -25.51
N GLU A 17 -7.46 5.60 -25.62
CA GLU A 17 -7.18 6.42 -26.79
C GLU A 17 -5.73 6.86 -26.78
N ILE A 18 -5.25 7.36 -25.63
CA ILE A 18 -3.85 7.76 -25.45
C ILE A 18 -2.93 6.61 -25.83
N ALA A 19 -3.25 5.42 -25.36
CA ALA A 19 -2.48 4.22 -25.67
C ALA A 19 -2.45 3.95 -27.18
N ALA A 20 -3.54 4.26 -27.87
CA ALA A 20 -3.66 4.04 -29.31
C ALA A 20 -2.75 4.97 -30.11
N LYS A 21 -2.62 6.21 -29.65
CA LYS A 21 -1.64 7.14 -30.21
C LYS A 21 -0.24 6.51 -30.31
N LEU A 22 0.08 5.61 -29.39
CA LEU A 22 1.39 4.93 -29.37
C LEU A 22 1.36 3.54 -30.01
N GLY A 23 0.21 3.14 -30.55
CA GLY A 23 0.05 1.85 -31.18
C GLY A 23 -0.08 0.69 -30.19
N LEU A 24 -0.72 0.95 -29.05
CA LEU A 24 -0.91 -0.06 -28.01
C LEU A 24 -2.35 -0.58 -28.03
N THR A 25 -2.51 -1.90 -28.07
CA THR A 25 -3.85 -2.53 -28.05
C THR A 25 -4.29 -2.82 -26.61
N GLU A 26 -5.41 -3.53 -26.46
CA GLU A 26 -6.17 -3.58 -25.20
C GLU A 26 -5.65 -4.17 -23.85
N ASP A 27 -4.85 -5.23 -23.68
CA ASP A 27 -4.16 -6.17 -24.59
C ASP A 27 -2.66 -6.02 -24.34
N ASP A 28 -2.16 -4.80 -24.53
CA ASP A 28 -0.80 -4.45 -24.15
C ASP A 28 -0.79 -3.70 -22.80
N ILE A 29 -1.98 -3.38 -22.28
CA ILE A 29 -2.10 -2.54 -21.09
C ILE A 29 -3.08 -3.06 -20.04
N ASP A 30 -2.78 -2.76 -18.77
CA ASP A 30 -3.68 -3.03 -17.65
C ASP A 30 -4.33 -1.71 -17.22
N LEU A 31 -5.64 -1.58 -17.36
CA LEU A 31 -6.33 -0.36 -16.99
C LEU A 31 -6.45 -0.25 -15.48
N TYR A 32 -6.23 0.96 -14.95
CA TYR A 32 -6.49 1.26 -13.55
C TYR A 32 -7.43 2.45 -13.57
N GLY A 33 -8.71 2.18 -13.80
CA GLY A 33 -9.68 3.24 -14.01
C GLY A 33 -9.65 3.69 -15.47
N LYS A 34 -10.36 4.79 -15.74
CA LYS A 34 -10.56 5.28 -17.10
C LYS A 34 -9.39 6.13 -17.61
N TYR A 35 -8.61 6.70 -16.68
CA TYR A 35 -7.57 7.67 -17.03
C TYR A 35 -6.17 7.25 -16.62
N LYS A 36 -5.94 5.95 -16.35
CA LYS A 36 -4.61 5.43 -16.00
C LYS A 36 -4.44 4.01 -16.52
N ALA A 37 -3.22 3.66 -16.90
CA ALA A 37 -2.92 2.31 -17.37
C ALA A 37 -1.48 1.93 -17.09
N LYS A 38 -1.23 0.65 -16.90
CA LYS A 38 0.13 0.14 -16.82
C LYS A 38 0.41 -0.57 -18.13
N VAL A 39 1.56 -0.27 -18.73
CA VAL A 39 1.96 -0.83 -20.00
C VAL A 39 2.87 -2.03 -19.75
N ASP A 40 2.56 -3.15 -20.39
CA ASP A 40 3.34 -4.38 -20.23
C ASP A 40 4.78 -4.17 -20.69
N TYR A 41 5.74 -4.57 -19.85
CA TYR A 41 7.18 -4.41 -20.14
C TYR A 41 7.73 -5.47 -21.09
N ASN A 42 6.94 -6.48 -21.40
CA ASN A 42 7.34 -7.45 -22.41
C ASN A 42 7.36 -6.87 -23.83
N LEU A 43 6.78 -5.68 -24.00
CA LEU A 43 6.90 -4.92 -25.26
C LEU A 43 8.30 -4.36 -25.53
N LEU A 44 9.21 -4.41 -24.54
CA LEU A 44 10.58 -3.97 -24.78
C LEU A 44 11.32 -4.99 -25.67
N ASN A 45 11.85 -6.04 -25.06
CA ASN A 45 12.53 -7.09 -25.81
C ASN A 45 11.83 -7.38 -27.13
N ASN A 46 10.50 -7.24 -27.11
CA ASN A 46 9.68 -7.34 -28.32
C ASN A 46 10.50 -7.37 -29.61
N CYS A 47 10.79 -6.18 -30.15
CA CYS A 47 11.49 -6.10 -31.43
C CYS A 47 12.71 -5.18 -31.37
N ASN A 48 12.74 -4.15 -32.21
CA ASN A 48 13.94 -3.36 -32.37
C ASN A 48 13.72 -1.97 -32.97
N GLY A 49 13.94 -0.94 -32.15
CA GLY A 49 14.01 0.43 -32.66
C GLY A 49 15.42 0.65 -33.16
N LYS A 50 15.71 1.86 -33.66
CA LYS A 50 14.75 2.94 -33.71
C LYS A 50 14.46 3.44 -32.32
N LYS A 51 15.45 4.09 -31.71
CA LYS A 51 15.28 4.76 -30.43
C LYS A 51 15.01 6.25 -30.65
N ALA A 52 14.29 6.84 -29.70
CA ALA A 52 13.90 8.24 -29.77
C ALA A 52 15.08 9.17 -29.59
N LYS A 53 14.81 10.46 -29.72
CA LYS A 53 15.73 11.49 -29.27
C LYS A 53 15.38 11.80 -27.82
N LEU A 54 16.38 11.78 -26.95
CA LEU A 54 16.18 11.88 -25.52
C LEU A 54 16.53 13.28 -25.05
N ILE A 55 15.59 13.97 -24.43
CA ILE A 55 15.80 15.33 -23.96
C ILE A 55 15.78 15.35 -22.42
N LEU A 56 16.81 15.94 -21.83
CA LEU A 56 16.95 16.03 -20.39
C LEU A 56 16.62 17.43 -19.92
N THR A 57 15.66 17.55 -19.01
CA THR A 57 15.35 18.85 -18.45
C THR A 57 16.00 18.95 -17.09
N THR A 58 16.81 19.99 -16.94
CA THR A 58 17.46 20.30 -15.70
C THR A 58 17.23 21.78 -15.38
N ALA A 59 17.95 22.30 -14.38
CA ALA A 59 17.73 23.67 -13.93
C ALA A 59 18.96 24.27 -13.28
N ILE A 60 18.89 25.58 -13.06
CA ILE A 60 19.89 26.28 -12.26
C ILE A 60 19.76 25.84 -10.81
N THR A 61 20.59 26.41 -9.94
CA THR A 61 20.49 26.10 -8.54
C THR A 61 19.14 26.56 -7.99
N PRO A 62 18.39 25.65 -7.34
CA PRO A 62 17.03 26.00 -6.94
C PRO A 62 16.94 26.94 -5.76
N THR A 63 15.85 27.69 -5.73
CA THR A 63 15.47 28.52 -4.59
C THR A 63 14.32 27.80 -3.88
N PRO A 64 13.87 28.34 -2.72
CA PRO A 64 12.69 27.75 -2.07
C PRO A 64 11.45 27.78 -2.98
N ALA A 65 11.15 28.95 -3.53
CA ALA A 65 10.11 29.10 -4.55
C ALA A 65 10.63 28.54 -5.89
N GLY A 66 10.21 27.31 -6.22
CA GLY A 66 10.74 26.57 -7.38
C GLY A 66 10.74 27.31 -8.70
N GLU A 67 11.52 26.82 -9.66
N GLU A 67 11.54 26.80 -9.64
CA GLU A 67 11.68 27.47 -10.96
CA GLU A 67 11.73 27.42 -10.96
C GLU A 67 10.83 26.82 -12.05
C GLU A 67 10.83 26.83 -12.05
N GLY A 68 10.00 25.85 -11.69
CA GLY A 68 9.09 25.21 -12.62
C GLY A 68 9.79 24.33 -13.66
N LYS A 69 10.74 23.51 -13.21
CA LYS A 69 11.43 22.60 -14.13
C LYS A 69 10.41 21.62 -14.72
N THR A 70 9.61 21.01 -13.86
CA THR A 70 8.62 20.06 -14.32
C THR A 70 7.65 20.68 -15.32
N THR A 71 7.16 21.89 -15.04
CA THR A 71 6.22 22.53 -15.98
C THR A 71 6.86 22.71 -17.36
N THR A 72 8.08 23.22 -17.41
CA THR A 72 8.83 23.32 -18.68
C THR A 72 9.03 21.95 -19.35
N THR A 73 9.21 20.92 -18.53
CA THR A 73 9.40 19.54 -19.03
C THR A 73 8.15 19.07 -19.74
N ILE A 74 7.01 19.31 -19.12
CA ILE A 74 5.72 18.92 -19.72
C ILE A 74 5.45 19.77 -20.95
N GLY A 75 5.75 21.06 -20.85
CA GLY A 75 5.48 22.00 -21.95
C GLY A 75 6.30 21.78 -23.21
N ALA A 76 7.57 21.44 -23.05
CA ALA A 76 8.43 21.16 -24.20
C ALA A 76 7.89 19.96 -24.96
N ALA A 77 7.29 19.02 -24.22
CA ALA A 77 6.67 17.84 -24.83
C ALA A 77 5.37 18.22 -25.54
N ASP A 78 4.54 19.02 -24.89
CA ASP A 78 3.30 19.49 -25.53
C ASP A 78 3.61 20.29 -26.82
N ALA A 79 4.57 21.21 -26.73
CA ALA A 79 5.05 21.94 -27.90
C ALA A 79 5.46 20.99 -29.02
N LEU A 80 6.36 20.06 -28.72
CA LEU A 80 6.83 19.11 -29.71
C LEU A 80 5.69 18.35 -30.40
N THR A 81 4.74 17.89 -29.60
CA THR A 81 3.53 17.25 -30.13
C THR A 81 2.77 18.18 -31.10
N ARG A 82 2.76 19.47 -30.79
CA ARG A 82 2.07 20.46 -31.65
C ARG A 82 2.85 20.73 -32.94
N LEU A 83 4.14 20.44 -32.93
CA LEU A 83 4.98 20.51 -34.12
C LEU A 83 4.97 19.19 -34.90
N GLY A 84 4.06 18.28 -34.54
CA GLY A 84 3.85 17.02 -35.26
C GLY A 84 4.83 15.90 -34.92
N LYS A 85 5.63 16.10 -33.88
CA LYS A 85 6.60 15.11 -33.43
C LYS A 85 5.98 14.19 -32.39
N LYS A 86 6.10 12.88 -32.59
CA LYS A 86 5.54 11.90 -31.67
C LYS A 86 6.37 11.90 -30.38
N THR A 87 5.77 12.43 -29.32
CA THR A 87 6.50 12.74 -28.08
C THR A 87 5.89 12.08 -26.85
N ILE A 88 6.74 11.58 -25.95
CA ILE A 88 6.31 11.18 -24.61
C ILE A 88 7.07 11.98 -23.56
N VAL A 89 6.34 12.50 -22.56
CA VAL A 89 6.99 13.08 -21.37
C VAL A 89 7.09 12.02 -20.27
N ALA A 90 8.25 11.95 -19.64
CA ALA A 90 8.47 10.97 -18.57
C ALA A 90 8.79 11.72 -17.28
N LEU A 91 8.08 11.38 -16.20
CA LEU A 91 8.20 12.06 -14.90
C LEU A 91 8.27 11.09 -13.75
N ARG A 92 8.64 11.63 -12.59
CA ARG A 92 8.67 10.87 -11.35
C ARG A 92 7.30 10.85 -10.70
N GLU A 93 6.94 9.73 -10.07
CA GLU A 93 5.74 9.69 -9.23
C GLU A 93 6.15 10.26 -7.89
N PRO A 94 5.36 11.23 -7.36
CA PRO A 94 5.66 11.81 -6.06
C PRO A 94 5.14 10.97 -4.91
N SER A 95 5.82 11.06 -3.77
CA SER A 95 5.43 10.26 -2.61
C SER A 95 4.23 10.90 -1.90
N LEU A 96 3.53 10.06 -1.16
CA LEU A 96 2.33 10.40 -0.42
C LEU A 96 2.62 11.26 0.80
N GLY A 97 3.80 11.07 1.37
CA GLY A 97 4.16 11.70 2.63
C GLY A 97 3.85 13.17 2.73
N PRO A 98 4.48 14.00 1.88
CA PRO A 98 4.36 15.45 1.93
C PRO A 98 2.97 16.01 1.67
N VAL A 99 2.13 15.25 0.99
CA VAL A 99 0.76 15.66 0.70
C VAL A 99 -0.03 15.88 1.99
N PHE A 100 0.30 15.11 3.03
CA PHE A 100 -0.44 15.20 4.28
C PHE A 100 0.23 16.09 5.30
N GLY A 101 1.41 16.61 4.97
CA GLY A 101 2.15 17.48 5.87
C GLY A 101 2.12 18.93 5.42
N ILE A 102 2.48 19.15 4.16
CA ILE A 102 2.56 20.50 3.60
C ILE A 102 1.74 20.63 2.31
N LYS A 103 0.69 19.84 2.18
CA LYS A 103 -0.18 19.84 1.00
C LYS A 103 0.53 19.35 -0.26
N GLY A 104 -0.23 18.71 -1.14
CA GLY A 104 0.29 18.25 -2.42
C GLY A 104 0.45 19.36 -3.44
N GLY A 105 0.66 18.97 -4.68
CA GLY A 105 0.82 19.93 -5.77
C GLY A 105 0.66 19.25 -7.10
N ALA A 106 0.55 20.06 -8.14
CA ALA A 106 0.40 19.57 -9.50
C ALA A 106 1.63 18.78 -9.96
N ALA A 107 1.41 17.81 -10.83
CA ALA A 107 2.49 17.25 -11.62
C ALA A 107 2.76 18.26 -12.72
N GLY A 108 3.61 19.24 -12.42
CA GLY A 108 3.87 20.37 -13.32
C GLY A 108 3.19 21.62 -12.77
N GLY A 109 2.42 22.31 -13.61
CA GLY A 109 1.73 23.50 -13.18
C GLY A 109 1.09 24.28 -14.32
N GLY A 110 0.12 25.13 -13.96
CA GLY A 110 -0.60 25.95 -14.94
C GLY A 110 -1.22 25.10 -16.03
N TYR A 111 -0.93 25.43 -17.28
CA TYR A 111 -1.42 24.64 -18.40
C TYR A 111 -0.39 23.62 -18.87
N ALA A 112 0.65 23.42 -18.07
CA ALA A 112 1.63 22.34 -18.31
C ALA A 112 1.57 21.33 -17.16
N GLN A 113 0.62 20.41 -17.24
CA GLN A 113 0.35 19.43 -16.19
C GLN A 113 0.22 18.01 -16.73
N VAL A 114 0.54 17.03 -15.89
CA VAL A 114 0.15 15.66 -16.15
C VAL A 114 -0.98 15.34 -15.18
N VAL A 115 -1.94 14.54 -15.64
CA VAL A 115 -3.17 14.29 -14.89
C VAL A 115 -3.61 12.85 -15.12
N PRO A 116 -4.50 12.31 -14.25
CA PRO A 116 -5.21 12.91 -13.11
C PRO A 116 -4.31 13.31 -11.95
N MET A 117 -4.46 14.56 -11.54
CA MET A 117 -3.60 15.18 -10.53
C MET A 117 -3.87 14.61 -9.13
N GLU A 118 -5.13 14.40 -8.78
CA GLU A 118 -5.46 13.85 -7.46
C GLU A 118 -4.88 12.42 -7.30
N ASP A 119 -5.18 11.56 -8.25
CA ASP A 119 -4.71 10.17 -8.22
C ASP A 119 -3.20 10.04 -8.12
N ILE A 120 -2.47 10.81 -8.94
CA ILE A 120 -1.00 10.84 -8.89
C ILE A 120 -0.51 11.24 -7.49
N ASN A 121 -1.23 12.16 -6.84
CA ASN A 121 -0.87 12.60 -5.51
C ASN A 121 -1.27 11.65 -4.36
N LEU A 122 -2.04 10.59 -4.66
CA LEU A 122 -2.42 9.64 -3.64
C LEU A 122 -1.81 8.25 -3.89
N HIS A 123 -2.62 7.23 -4.08
CA HIS A 123 -2.14 5.87 -4.19
C HIS A 123 -1.66 5.58 -5.61
N PHE A 124 -2.08 6.43 -6.55
CA PHE A 124 -1.85 6.27 -7.99
C PHE A 124 -2.19 4.83 -8.41
N THR A 125 -1.25 4.10 -9.01
CA THR A 125 -1.48 2.70 -9.38
C THR A 125 -0.90 1.76 -8.32
N GLY A 126 -0.53 2.30 -7.17
CA GLY A 126 -0.03 1.49 -6.04
C GLY A 126 1.45 1.12 -6.04
N ASP A 127 2.26 1.77 -6.88
CA ASP A 127 3.69 1.46 -6.98
C ASP A 127 4.43 1.61 -5.65
N ILE A 128 4.18 2.69 -4.92
CA ILE A 128 4.96 2.95 -3.72
C ILE A 128 4.60 1.99 -2.59
N HIS A 129 3.38 1.46 -2.60
CA HIS A 129 2.99 0.47 -1.61
C HIS A 129 3.74 -0.86 -1.85
N ALA A 130 3.89 -1.24 -3.11
CA ALA A 130 4.57 -2.46 -3.45
C ALA A 130 6.01 -2.34 -3.00
N ILE A 131 6.59 -1.16 -3.25
CA ILE A 131 7.95 -0.89 -2.83
C ILE A 131 8.08 -0.98 -1.31
N THR A 132 7.19 -0.30 -0.61
CA THR A 132 7.18 -0.36 0.84
C THR A 132 7.07 -1.79 1.36
N ALA A 133 6.24 -2.60 0.72
CA ALA A 133 6.03 -3.98 1.16
C ALA A 133 7.28 -4.85 0.93
N ALA A 134 7.96 -4.60 -0.18
CA ALA A 134 9.15 -5.34 -0.54
C ALA A 134 10.25 -4.99 0.42
N ASN A 135 10.39 -3.71 0.72
CA ASN A 135 11.40 -3.27 1.67
C ASN A 135 11.14 -3.86 3.04
N ASN A 136 9.90 -3.75 3.48
CA ASN A 136 9.52 -4.25 4.80
C ASN A 136 9.45 -5.77 4.89
N LEU A 137 9.29 -6.47 3.76
CA LEU A 137 9.40 -7.93 3.76
C LEU A 137 10.84 -8.35 4.05
N LEU A 138 11.77 -7.73 3.34
CA LEU A 138 13.19 -8.03 3.50
C LEU A 138 13.61 -7.80 4.94
N ALA A 139 13.16 -6.70 5.54
CA ALA A 139 13.50 -6.41 6.93
C ALA A 139 12.99 -7.49 7.87
N ALA A 140 11.78 -7.98 7.60
CA ALA A 140 11.20 -9.03 8.43
C ALA A 140 12.00 -10.32 8.29
N MET A 141 12.48 -10.57 7.07
CA MET A 141 13.25 -11.77 6.77
C MET A 141 14.63 -11.73 7.41
N VAL A 142 15.24 -10.54 7.50
CA VAL A 142 16.51 -10.36 8.18
C VAL A 142 16.35 -10.73 9.65
N ASP A 143 15.37 -10.12 10.29
CA ASP A 143 15.14 -10.40 11.71
C ASP A 143 14.75 -11.85 11.93
N ASN A 144 13.90 -12.41 11.09
CA ASN A 144 13.50 -13.82 11.24
C ASN A 144 14.73 -14.73 11.21
N HIS A 145 15.66 -14.44 10.31
CA HIS A 145 16.84 -15.26 10.20
C HIS A 145 17.62 -15.27 11.52
N ILE A 146 17.75 -14.10 12.13
CA ILE A 146 18.44 -13.96 13.40
C ILE A 146 17.68 -14.69 14.50
N PHE A 147 16.37 -14.46 14.55
CA PHE A 147 15.49 -15.09 15.53
C PHE A 147 15.53 -16.62 15.50
N GLN A 148 15.73 -17.20 14.33
CA GLN A 148 15.58 -18.65 14.14
C GLN A 148 16.88 -19.44 14.33
N GLY A 149 17.97 -18.76 14.64
CA GLY A 149 19.24 -19.43 14.91
C GLY A 149 20.44 -18.64 14.46
N ASN A 150 20.27 -17.87 13.40
CA ASN A 150 21.30 -16.96 12.91
C ASN A 150 22.52 -17.69 12.32
N GLN A 151 22.24 -18.69 11.48
CA GLN A 151 23.23 -19.43 10.68
C GLN A 151 24.28 -18.52 10.05
N LEU A 152 23.83 -17.46 9.40
CA LEU A 152 24.68 -16.51 8.71
C LEU A 152 25.52 -15.69 9.66
N ASN A 153 25.28 -15.82 10.95
CA ASN A 153 26.11 -15.20 11.97
C ASN A 153 26.06 -13.66 11.92
N ILE A 154 24.87 -13.11 11.62
CA ILE A 154 24.70 -11.66 11.56
C ILE A 154 25.00 -11.02 12.90
N ASP A 155 25.76 -9.93 12.89
CA ASP A 155 25.91 -9.04 14.05
C ASP A 155 24.64 -8.14 14.13
N THR A 156 23.81 -8.36 15.14
CA THR A 156 22.54 -7.63 15.27
C THR A 156 22.73 -6.13 15.26
N ARG A 157 23.89 -5.65 15.68
CA ARG A 157 24.19 -4.22 15.70
C ARG A 157 24.76 -3.65 14.40
N ARG A 158 24.77 -4.48 13.35
N ARG A 158 24.81 -4.47 13.35
CA ARG A 158 25.30 -4.08 12.04
CA ARG A 158 25.28 -4.01 12.04
C ARG A 158 24.33 -4.41 10.92
C ARG A 158 24.32 -4.42 10.92
N VAL A 159 23.05 -4.53 11.26
CA VAL A 159 22.00 -4.64 10.26
C VAL A 159 21.82 -3.21 9.75
N VAL A 160 22.18 -2.97 8.51
CA VAL A 160 22.12 -1.64 7.91
C VAL A 160 20.83 -1.44 7.11
N TRP A 161 20.05 -2.49 6.90
CA TRP A 161 18.77 -2.38 6.26
C TRP A 161 17.78 -1.68 7.20
N ARG A 162 16.91 -0.87 6.63
CA ARG A 162 15.98 -0.05 7.41
C ARG A 162 14.57 -0.23 6.88
N ARG A 163 13.59 -0.09 7.76
CA ARG A 163 12.21 -0.29 7.39
C ARG A 163 11.66 0.97 6.72
N ALA A 164 10.43 0.90 6.23
CA ALA A 164 9.87 1.95 5.40
C ALA A 164 8.39 2.21 5.65
N VAL A 165 8.02 3.48 5.61
CA VAL A 165 6.62 3.91 5.53
C VAL A 165 6.55 5.19 4.67
N ASP A 166 5.52 5.34 3.84
CA ASP A 166 5.36 6.57 3.09
C ASP A 166 4.46 7.54 3.84
N ILE A 167 4.90 7.88 5.05
CA ILE A 167 4.28 8.89 5.89
C ILE A 167 5.46 9.73 6.34
N ASN A 168 5.23 11.03 6.56
CA ASN A 168 6.23 11.90 7.16
C ASN A 168 6.15 11.72 8.67
N ASP A 169 6.89 10.73 9.20
CA ASP A 169 6.77 10.37 10.60
C ASP A 169 8.12 10.37 11.31
N ARG A 170 8.41 11.47 12.01
CA ARG A 170 9.68 11.58 12.71
C ARG A 170 9.82 10.61 13.86
N GLN A 171 8.70 10.09 14.36
CA GLN A 171 8.70 9.19 15.51
C GLN A 171 9.43 7.87 15.20
N LEU A 172 9.52 7.51 13.92
CA LEU A 172 10.15 6.25 13.51
C LEU A 172 11.58 6.42 13.02
N ARG A 173 12.15 7.61 13.10
CA ARG A 173 13.53 7.79 12.65
C ARG A 173 14.49 6.92 13.48
N PHE A 174 14.31 6.93 14.80
CA PHE A 174 15.14 6.16 15.71
C PHE A 174 14.24 5.33 16.63
N VAL A 175 14.32 4.01 16.51
CA VAL A 175 13.52 3.08 17.32
C VAL A 175 14.40 1.93 17.86
N ILE A 176 13.88 1.23 18.88
CA ILE A 176 14.37 -0.09 19.26
C ILE A 176 13.24 -1.06 18.98
N ASP A 177 13.51 -2.14 18.27
CA ASP A 177 12.50 -3.19 18.09
C ASP A 177 13.01 -4.59 18.50
N GLY A 178 12.11 -5.59 18.43
CA GLY A 178 12.42 -6.95 18.84
C GLY A 178 12.40 -7.13 20.34
N LEU A 179 11.57 -6.35 21.02
CA LEU A 179 11.45 -6.43 22.46
C LEU A 179 10.33 -7.42 22.86
N GLY A 180 10.08 -7.55 24.17
CA GLY A 180 9.02 -8.42 24.71
C GLY A 180 9.42 -9.85 25.05
N GLY A 181 10.71 -10.09 25.28
CA GLY A 181 11.19 -11.40 25.67
C GLY A 181 11.53 -12.31 24.51
N LYS A 182 12.04 -13.49 24.86
CA LYS A 182 12.50 -14.46 23.87
C LYS A 182 11.48 -14.84 22.82
N ALA A 183 10.20 -14.78 23.15
CA ALA A 183 9.17 -15.17 22.19
C ALA A 183 8.85 -14.08 21.18
N ASN A 184 9.43 -12.89 21.30
CA ASN A 184 9.02 -11.78 20.43
C ASN A 184 10.11 -11.15 19.56
N GLY A 185 11.32 -11.71 19.62
CA GLY A 185 12.36 -11.31 18.69
C GLY A 185 13.64 -11.02 19.39
N VAL A 186 14.51 -10.26 18.74
CA VAL A 186 15.81 -9.98 19.28
C VAL A 186 16.08 -8.51 19.26
N PRO A 187 16.33 -7.91 20.43
CA PRO A 187 16.57 -6.49 20.54
C PRO A 187 17.59 -5.88 19.61
N ARG A 188 17.19 -4.87 18.85
CA ARG A 188 18.16 -4.04 18.15
C ARG A 188 17.68 -2.60 17.88
N GLU A 189 18.65 -1.72 17.68
CA GLU A 189 18.43 -0.39 17.14
C GLU A 189 18.11 -0.49 15.66
N ASP A 190 17.15 0.33 15.23
CA ASP A 190 16.54 0.25 13.90
C ASP A 190 15.94 1.63 13.62
N GLY A 191 15.37 1.79 12.43
CA GLY A 191 14.61 2.99 12.08
C GLY A 191 13.93 2.86 10.74
N PHE A 192 12.97 3.73 10.48
CA PHE A 192 12.29 3.76 9.19
C PHE A 192 12.81 4.94 8.39
N ASP A 193 12.90 4.78 7.07
CA ASP A 193 13.06 5.92 6.17
C ASP A 193 11.74 6.09 5.47
N ILE A 194 11.54 7.24 4.86
CA ILE A 194 10.39 7.39 3.99
C ILE A 194 10.63 6.48 2.79
N THR A 195 9.60 5.75 2.40
CA THR A 195 9.70 4.70 1.38
C THR A 195 10.54 5.04 0.16
N VAL A 196 10.30 6.21 -0.42
CA VAL A 196 11.03 6.58 -1.64
C VAL A 196 12.53 6.81 -1.40
N ALA A 197 12.95 6.84 -0.14
CA ALA A 197 14.38 6.86 0.19
C ALA A 197 15.02 5.47 0.30
N SER A 198 14.24 4.40 0.21
CA SER A 198 14.75 3.01 0.28
C SER A 198 15.52 2.62 -0.97
N GLU A 199 16.52 1.74 -0.81
CA GLU A 199 17.31 1.24 -1.94
C GLU A 199 16.41 0.49 -2.92
N VAL A 200 15.32 -0.08 -2.43
CA VAL A 200 14.34 -0.68 -3.32
C VAL A 200 13.80 0.33 -4.34
N MET A 201 13.66 1.60 -3.96
CA MET A 201 13.20 2.61 -4.95
C MET A 201 14.29 2.90 -5.97
N ALA A 202 15.55 3.02 -5.52
CA ALA A 202 16.66 3.25 -6.45
C ALA A 202 16.83 2.08 -7.42
N ILE A 203 16.65 0.86 -6.92
CA ILE A 203 16.78 -0.36 -7.74
C ILE A 203 15.60 -0.50 -8.70
N PHE A 204 14.41 -0.24 -8.17
CA PHE A 204 13.18 -0.08 -8.99
C PHE A 204 13.42 0.84 -10.18
N CYS A 205 14.15 1.92 -9.94
CA CYS A 205 14.39 2.94 -10.98
C CYS A 205 15.55 2.64 -11.93
N LEU A 206 16.48 1.77 -11.54
CA LEU A 206 17.63 1.47 -12.40
C LEU A 206 17.51 0.14 -13.12
N ALA A 207 16.53 -0.67 -12.73
CA ALA A 207 16.33 -1.98 -13.34
C ALA A 207 15.89 -1.86 -14.81
N ASN A 208 16.55 -2.65 -15.67
CA ASN A 208 16.24 -2.74 -17.10
C ASN A 208 15.00 -3.55 -17.41
N ASP A 209 14.73 -4.54 -16.58
CA ASP A 209 13.56 -5.39 -16.72
C ASP A 209 13.42 -6.19 -15.43
N ILE A 210 12.48 -7.11 -15.39
CA ILE A 210 12.11 -7.82 -14.17
C ILE A 210 13.23 -8.76 -13.71
N MET A 211 14.00 -9.30 -14.65
CA MET A 211 15.14 -10.18 -14.32
C MET A 211 16.33 -9.36 -13.78
N ASP A 212 16.50 -8.16 -14.29
CA ASP A 212 17.55 -7.28 -13.79
C ASP A 212 17.14 -6.79 -12.39
N LEU A 213 15.83 -6.60 -12.18
CA LEU A 213 15.31 -6.23 -10.88
C LEU A 213 15.67 -7.28 -9.85
N LYS A 214 15.38 -8.52 -10.18
CA LYS A 214 15.59 -9.62 -9.25
C LYS A 214 17.06 -9.75 -8.89
N GLU A 215 17.93 -9.58 -9.87
CA GLU A 215 19.36 -9.76 -9.65
C GLU A 215 19.99 -8.60 -8.89
N ARG A 216 19.36 -7.44 -8.94
CA ARG A 216 19.86 -6.28 -8.22
C ARG A 216 19.50 -6.39 -6.74
N LEU A 217 18.30 -6.92 -6.49
CA LEU A 217 17.81 -7.05 -5.13
C LEU A 217 18.67 -8.08 -4.39
N ALA A 218 19.00 -9.17 -5.06
CA ALA A 218 19.88 -10.20 -4.49
C ALA A 218 21.15 -9.60 -3.89
N LYS A 219 21.71 -8.59 -4.56
CA LYS A 219 22.94 -7.94 -4.12
C LYS A 219 22.77 -6.90 -3.01
N ILE A 220 21.54 -6.57 -2.61
CA ILE A 220 21.36 -5.68 -1.45
C ILE A 220 22.16 -6.21 -0.26
N VAL A 221 22.98 -5.36 0.34
CA VAL A 221 23.63 -5.66 1.61
C VAL A 221 22.72 -5.28 2.78
N VAL A 222 22.15 -6.27 3.46
CA VAL A 222 21.24 -6.03 4.57
C VAL A 222 21.94 -5.85 5.92
N ALA A 223 23.08 -6.53 6.07
CA ALA A 223 23.80 -6.53 7.35
C ALA A 223 25.26 -7.01 7.18
N TYR A 224 26.00 -7.00 8.28
CA TYR A 224 27.33 -7.59 8.32
C TYR A 224 27.37 -8.66 9.39
N ASP A 225 28.11 -9.73 9.11
CA ASP A 225 28.30 -10.79 10.10
C ASP A 225 29.31 -10.37 11.14
N ARG A 226 29.46 -11.20 12.18
CA ARG A 226 30.31 -10.84 13.32
C ARG A 226 31.80 -10.73 13.00
N GLU A 227 32.20 -11.08 11.79
CA GLU A 227 33.58 -10.85 11.37
C GLU A 227 33.73 -9.94 10.14
N GLY A 228 32.75 -9.06 9.92
CA GLY A 228 32.91 -7.93 8.99
C GLY A 228 32.46 -8.17 7.56
N LYS A 229 32.01 -9.38 7.24
CA LYS A 229 31.59 -9.73 5.89
C LYS A 229 30.13 -9.36 5.65
N PRO A 230 29.84 -8.82 4.45
CA PRO A 230 28.48 -8.41 4.13
C PRO A 230 27.55 -9.60 3.93
N VAL A 231 26.34 -9.51 4.47
CA VAL A 231 25.28 -10.47 4.22
C VAL A 231 24.28 -9.77 3.32
N THR A 232 23.70 -10.51 2.38
CA THR A 232 22.87 -9.93 1.33
C THR A 232 21.45 -10.46 1.35
N ALA A 233 20.57 -9.79 0.61
CA ALA A 233 19.21 -10.26 0.46
C ALA A 233 19.19 -11.61 -0.23
N GLY A 234 20.18 -11.84 -1.08
CA GLY A 234 20.34 -13.12 -1.78
C GLY A 234 20.66 -14.27 -0.83
N ASP A 235 21.55 -14.03 0.12
CA ASP A 235 21.84 -15.01 1.19
C ASP A 235 20.55 -15.40 1.93
N LEU A 236 19.61 -14.45 2.06
CA LEU A 236 18.34 -14.69 2.74
C LEU A 236 17.26 -15.25 1.81
N LYS A 237 17.58 -15.41 0.54
CA LYS A 237 16.64 -15.89 -0.48
C LYS A 237 15.38 -15.01 -0.56
N ALA A 238 15.58 -13.69 -0.49
CA ALA A 238 14.47 -12.73 -0.48
C ALA A 238 14.15 -12.14 -1.85
N GLN A 239 15.06 -12.25 -2.82
CA GLN A 239 14.91 -11.50 -4.08
C GLN A 239 13.70 -11.92 -4.95
N GLY A 240 13.38 -13.21 -4.95
CA GLY A 240 12.23 -13.70 -5.70
C GLY A 240 10.92 -13.11 -5.21
N ALA A 241 10.76 -13.06 -3.88
CA ALA A 241 9.55 -12.57 -3.25
C ALA A 241 9.39 -11.06 -3.39
N MET A 242 10.50 -10.35 -3.26
CA MET A 242 10.53 -8.92 -3.44
C MET A 242 10.09 -8.57 -4.86
N ALA A 243 10.63 -9.29 -5.84
CA ALA A 243 10.27 -9.08 -7.23
C ALA A 243 8.82 -9.48 -7.50
N ALA A 244 8.33 -10.54 -6.86
CA ALA A 244 6.94 -10.89 -6.99
C ALA A 244 6.06 -9.74 -6.49
N LEU A 245 6.46 -9.12 -5.39
CA LEU A 245 5.73 -7.97 -4.85
C LEU A 245 5.79 -6.76 -5.80
N LEU A 246 6.83 -6.70 -6.62
CA LEU A 246 7.06 -5.58 -7.52
C LEU A 246 6.81 -5.92 -8.97
N LYS A 247 6.12 -7.02 -9.22
CA LYS A 247 5.91 -7.53 -10.57
C LYS A 247 5.01 -6.56 -11.38
N ASP A 248 3.86 -6.20 -10.82
CA ASP A 248 2.97 -5.26 -11.51
C ASP A 248 3.46 -3.82 -11.43
N ALA A 249 3.93 -3.40 -10.27
CA ALA A 249 4.42 -2.02 -10.08
C ALA A 249 5.45 -1.58 -11.12
N LEU A 250 6.31 -2.52 -11.53
CA LEU A 250 7.40 -2.27 -12.49
C LEU A 250 6.93 -1.96 -13.92
N LYS A 251 5.70 -2.32 -14.24
CA LYS A 251 5.07 -1.85 -15.48
C LYS A 251 4.84 -0.33 -15.39
N PRO A 252 5.33 0.44 -16.37
CA PRO A 252 5.18 1.90 -16.34
C PRO A 252 3.73 2.42 -16.38
N ASN A 253 3.48 3.52 -15.67
CA ASN A 253 2.13 4.10 -15.58
C ASN A 253 1.88 5.07 -16.72
N LEU A 254 1.01 4.71 -17.65
CA LEU A 254 0.69 5.58 -18.76
C LEU A 254 -0.42 6.55 -18.36
N VAL A 255 -0.13 7.85 -18.39
CA VAL A 255 -1.16 8.89 -18.22
C VAL A 255 -1.03 9.95 -19.34
N GLN A 256 -1.54 11.16 -19.13
CA GLN A 256 -1.53 12.20 -20.17
C GLN A 256 -1.33 13.61 -19.63
N THR A 257 -0.88 14.50 -20.52
CA THR A 257 -0.85 15.93 -20.22
C THR A 257 -2.25 16.52 -20.41
N LEU A 258 -2.45 17.77 -20.01
CA LEU A 258 -3.74 18.43 -20.26
C LEU A 258 -4.08 18.42 -21.75
N GLU A 259 -3.09 18.67 -22.61
CA GLU A 259 -3.29 18.61 -24.05
C GLU A 259 -3.34 17.18 -24.65
N GLY A 260 -3.20 16.16 -23.81
CA GLY A 260 -3.28 14.77 -24.29
C GLY A 260 -1.98 14.16 -24.80
N THR A 261 -0.84 14.75 -24.44
CA THR A 261 0.44 14.12 -24.79
C THR A 261 0.67 12.90 -23.89
N PRO A 262 0.99 11.74 -24.51
CA PRO A 262 1.29 10.55 -23.72
C PRO A 262 2.34 10.83 -22.66
N ALA A 263 2.04 10.47 -21.42
CA ALA A 263 2.98 10.68 -20.31
C ALA A 263 3.19 9.39 -19.54
N PHE A 264 4.43 9.16 -19.13
CA PHE A 264 4.75 8.13 -18.15
C PHE A 264 5.07 8.78 -16.82
N VAL A 265 4.53 8.20 -15.75
CA VAL A 265 4.85 8.62 -14.41
C VAL A 265 5.22 7.37 -13.65
N HIS A 266 6.46 7.27 -13.22
CA HIS A 266 6.96 5.96 -12.79
C HIS A 266 8.27 6.10 -12.06
N GLY A 267 8.27 5.70 -10.79
CA GLY A 267 9.47 5.72 -9.96
C GLY A 267 9.67 7.09 -9.39
N GLY A 268 10.51 7.20 -8.36
CA GLY A 268 10.71 8.49 -7.70
C GLY A 268 11.65 8.45 -6.52
N PRO A 269 12.95 8.28 -6.77
CA PRO A 269 13.90 8.23 -5.66
C PRO A 269 14.34 9.63 -5.28
N PHE A 270 15.06 9.73 -4.17
CA PHE A 270 15.73 10.97 -3.75
C PHE A 270 16.74 11.40 -4.81
N ALA A 271 17.10 12.69 -4.81
CA ALA A 271 18.14 13.20 -5.72
C ALA A 271 19.43 13.59 -4.97
N ASN A 272 19.53 13.21 -3.69
CA ASN A 272 20.76 13.34 -2.90
C ASN A 272 21.39 11.98 -2.59
N ILE A 273 20.72 11.16 -1.78
CA ILE A 273 21.23 9.80 -1.50
C ILE A 273 21.00 8.84 -2.66
N ALA A 274 20.19 9.26 -3.64
CA ALA A 274 20.10 8.54 -4.90
C ALA A 274 20.15 9.53 -6.07
N HIS A 275 19.68 9.11 -7.24
CA HIS A 275 19.97 9.82 -8.51
C HIS A 275 18.85 10.73 -9.04
N GLY A 276 17.70 10.74 -8.37
CA GLY A 276 16.64 11.70 -8.68
C GLY A 276 16.06 11.67 -10.08
N CYS A 277 15.93 10.49 -10.66
CA CYS A 277 15.35 10.31 -11.98
C CYS A 277 14.12 9.45 -11.92
N ASN A 278 13.26 9.53 -12.93
CA ASN A 278 12.23 8.51 -13.07
C ASN A 278 12.88 7.22 -13.59
N SER A 279 12.10 6.15 -13.67
CA SER A 279 12.64 4.83 -13.91
C SER A 279 13.24 4.66 -15.31
N VAL A 280 14.25 3.81 -15.38
CA VAL A 280 14.89 3.46 -16.62
C VAL A 280 13.89 2.77 -17.53
N ILE A 281 13.11 1.83 -16.97
CA ILE A 281 12.17 1.07 -17.76
C ILE A 281 11.13 1.99 -18.42
N ALA A 282 10.69 3.04 -17.72
CA ALA A 282 9.76 3.99 -18.32
C ALA A 282 10.46 4.84 -19.41
N THR A 283 11.67 5.32 -19.15
CA THR A 283 12.36 6.07 -20.19
C THR A 283 12.60 5.17 -21.39
N LYS A 284 13.06 3.95 -21.17
CA LYS A 284 13.33 3.03 -22.27
C LYS A 284 12.04 2.69 -23.00
N MET A 285 10.95 2.53 -22.27
CA MET A 285 9.66 2.25 -22.90
C MET A 285 9.27 3.44 -23.79
N ALA A 286 9.43 4.65 -23.26
CA ALA A 286 9.12 5.87 -24.00
C ALA A 286 9.97 5.98 -25.27
N MET A 287 11.27 5.76 -25.14
CA MET A 287 12.17 5.83 -26.30
C MET A 287 11.83 4.76 -27.34
N HIS A 288 11.21 3.68 -26.91
CA HIS A 288 10.74 2.62 -27.80
C HIS A 288 9.45 3.05 -28.54
N LEU A 289 8.52 3.64 -27.80
CA LEU A 289 7.19 3.95 -28.33
C LEU A 289 7.06 5.33 -28.98
N ALA A 290 8.15 6.06 -29.13
CA ALA A 290 8.07 7.45 -29.57
C ALA A 290 9.34 7.86 -30.26
N ASP A 291 9.33 9.08 -30.83
CA ASP A 291 10.48 9.64 -31.52
C ASP A 291 11.20 10.71 -30.70
N TYR A 292 10.47 11.37 -29.82
CA TYR A 292 11.08 12.26 -28.83
C TYR A 292 10.58 11.90 -27.44
N VAL A 293 11.46 12.03 -26.46
CA VAL A 293 11.14 11.79 -25.06
C VAL A 293 11.73 12.94 -24.26
N VAL A 294 10.89 13.56 -23.44
CA VAL A 294 11.33 14.65 -22.58
C VAL A 294 11.21 14.16 -21.14
N THR A 295 12.29 14.28 -20.39
CA THR A 295 12.32 13.83 -19.01
C THR A 295 13.16 14.81 -18.20
N GLU A 296 13.28 14.58 -16.90
CA GLU A 296 13.97 15.52 -16.02
C GLU A 296 14.66 14.80 -14.87
N ALA A 297 15.57 15.52 -14.20
CA ALA A 297 16.22 15.04 -12.97
C ALA A 297 16.04 16.03 -11.83
N GLY A 298 16.01 15.52 -10.60
CA GLY A 298 15.78 16.32 -9.41
C GLY A 298 16.83 17.41 -9.20
N PHE A 299 16.40 18.52 -8.59
CA PHE A 299 17.32 19.61 -8.21
C PHE A 299 18.04 20.24 -9.40
N GLY A 300 19.13 20.96 -9.12
CA GLY A 300 19.88 21.64 -10.17
C GLY A 300 20.77 20.67 -10.91
N ALA A 301 21.39 21.17 -11.97
CA ALA A 301 22.22 20.35 -12.85
C ALA A 301 23.49 19.83 -12.17
N ASP A 302 23.86 20.40 -11.03
CA ASP A 302 25.03 19.91 -10.28
C ASP A 302 24.75 18.60 -9.59
N LEU A 303 23.47 18.35 -9.27
CA LEU A 303 23.04 17.09 -8.68
C LEU A 303 22.34 16.20 -9.68
N GLY A 304 21.13 16.60 -10.07
CA GLY A 304 20.27 15.77 -10.92
C GLY A 304 20.85 15.41 -12.26
N ALA A 305 21.34 16.41 -12.98
CA ALA A 305 21.88 16.19 -14.33
C ALA A 305 23.19 15.40 -14.25
N GLU A 306 24.03 15.71 -13.28
CA GLU A 306 25.26 14.95 -13.08
C GLU A 306 24.96 13.46 -12.93
N LYS A 307 24.00 13.13 -12.07
CA LYS A 307 23.65 11.74 -11.81
C LYS A 307 22.85 11.09 -12.94
N PHE A 308 21.98 11.84 -13.61
CA PHE A 308 21.26 11.33 -14.78
C PHE A 308 22.24 10.77 -15.81
N ILE A 309 23.36 11.46 -15.99
CA ILE A 309 24.38 11.08 -16.95
C ILE A 309 25.34 10.06 -16.32
N ASP A 310 25.96 10.43 -15.21
CA ASP A 310 27.01 9.64 -14.58
C ASP A 310 26.53 8.35 -13.89
N ILE A 311 25.27 8.30 -13.47
CA ILE A 311 24.70 7.07 -12.92
C ILE A 311 23.68 6.44 -13.87
N LYS A 312 22.55 7.11 -14.12
CA LYS A 312 21.48 6.51 -14.94
C LYS A 312 21.90 6.17 -16.38
N CYS A 313 22.46 7.13 -17.10
CA CYS A 313 22.78 6.89 -18.51
C CYS A 313 23.93 5.87 -18.60
N ARG A 314 24.90 5.98 -17.68
CA ARG A 314 26.03 5.05 -17.67
C ARG A 314 25.56 3.60 -17.53
N LEU A 315 24.77 3.33 -16.50
CA LEU A 315 24.29 1.96 -16.21
C LEU A 315 23.18 1.47 -17.13
N ALA A 316 22.34 2.39 -17.61
CA ALA A 316 21.24 2.02 -18.51
C ALA A 316 21.65 1.97 -19.99
N GLY A 317 22.81 2.55 -20.31
CA GLY A 317 23.28 2.61 -21.69
C GLY A 317 22.44 3.54 -22.54
N LEU A 318 22.16 4.74 -22.00
CA LEU A 318 21.43 5.78 -22.74
C LEU A 318 22.35 6.99 -22.99
N LYS A 319 21.89 7.90 -23.85
CA LYS A 319 22.63 9.13 -24.17
C LYS A 319 21.63 10.24 -24.49
N PRO A 320 21.60 11.30 -23.67
CA PRO A 320 20.71 12.41 -23.98
C PRO A 320 21.18 13.17 -25.23
N ASP A 321 20.23 13.60 -26.05
CA ASP A 321 20.53 14.28 -27.32
C ASP A 321 20.55 15.80 -27.17
N ALA A 322 19.84 16.31 -26.17
CA ALA A 322 19.93 17.72 -25.81
C ALA A 322 19.49 17.93 -24.37
N VAL A 323 19.94 19.02 -23.77
CA VAL A 323 19.62 19.34 -22.40
C VAL A 323 18.89 20.69 -22.34
N ILE A 324 17.81 20.76 -21.57
CA ILE A 324 17.17 22.02 -21.27
C ILE A 324 17.59 22.44 -19.87
N ILE A 325 18.08 23.67 -19.74
CA ILE A 325 18.44 24.22 -18.45
C ILE A 325 17.41 25.31 -18.14
N VAL A 326 16.58 25.05 -17.14
CA VAL A 326 15.51 25.98 -16.77
C VAL A 326 16.05 27.02 -15.79
N ALA A 327 15.61 28.25 -15.97
CA ALA A 327 15.91 29.33 -15.05
C ALA A 327 14.82 30.37 -15.11
N THR A 328 14.76 31.19 -14.09
CA THR A 328 13.90 32.35 -14.07
C THR A 328 14.73 33.53 -13.66
N VAL A 329 14.24 34.71 -14.01
CA VAL A 329 14.91 35.95 -13.66
C VAL A 329 14.93 36.09 -12.13
N ARG A 330 13.76 35.92 -11.49
N ARG A 330 13.77 35.91 -11.48
CA ARG A 330 13.66 35.98 -10.02
CA ARG A 330 13.67 36.01 -10.02
C ARG A 330 14.68 35.10 -9.31
C ARG A 330 14.65 35.09 -9.30
N ALA A 331 14.83 33.87 -9.80
CA ALA A 331 15.74 32.91 -9.18
C ALA A 331 17.19 33.37 -9.26
N LEU A 332 17.56 33.95 -10.41
CA LEU A 332 18.92 34.46 -10.62
C LEU A 332 19.20 35.67 -9.73
N LYS A 333 18.24 36.59 -9.61
CA LYS A 333 18.38 37.75 -8.71
C LYS A 333 18.54 37.32 -7.26
N TYR A 334 17.78 36.30 -6.85
CA TYR A 334 17.92 35.70 -5.52
C TYR A 334 19.35 35.18 -5.36
N ASN A 335 19.81 34.47 -6.39
CA ASN A 335 21.13 33.87 -6.37
C ASN A 335 22.25 34.91 -6.42
N GLY A 336 21.94 36.10 -6.94
CA GLY A 336 22.85 37.23 -6.89
C GLY A 336 22.69 38.13 -5.67
N GLY A 337 22.22 37.56 -4.56
CA GLY A 337 22.19 38.30 -3.29
C GLY A 337 20.90 39.02 -2.97
N LEU A 338 20.15 39.43 -3.98
CA LEU A 338 18.92 40.17 -3.73
C LEU A 338 18.06 39.39 -2.76
N ALA A 339 17.70 40.01 -1.65
CA ALA A 339 17.12 39.29 -0.52
C ALA A 339 15.59 39.28 -0.53
N LYS A 340 15.01 38.37 -1.30
CA LYS A 340 13.57 38.15 -1.26
C LYS A 340 12.79 39.46 -1.27
N ALA A 341 11.47 39.34 -1.24
CA ALA A 341 10.59 40.51 -1.21
C ALA A 341 10.74 41.35 -2.47
N ASP A 342 11.94 41.90 -2.65
CA ASP A 342 12.23 42.73 -3.82
C ASP A 342 12.24 41.91 -5.10
N LEU A 343 12.37 40.59 -4.97
CA LEU A 343 12.29 39.71 -6.12
C LEU A 343 10.99 39.98 -6.85
N GLU A 344 10.87 41.18 -7.38
CA GLU A 344 9.64 41.62 -8.02
C GLU A 344 9.96 42.82 -8.88
N LYS A 345 10.68 43.76 -8.29
CA LYS A 345 11.12 44.94 -9.00
C LYS A 345 12.36 44.59 -9.81
N GLU A 346 12.58 45.34 -10.90
CA GLU A 346 13.76 45.16 -11.74
C GLU A 346 15.04 45.41 -10.96
N ASP A 347 16.10 44.67 -11.30
CA ASP A 347 17.42 44.87 -10.68
C ASP A 347 18.50 44.22 -11.56
N LEU A 348 18.98 44.98 -12.55
CA LEU A 348 19.98 44.49 -13.50
C LEU A 348 21.34 44.24 -12.89
N ASN A 349 21.60 44.81 -11.71
CA ASN A 349 22.82 44.48 -10.98
C ASN A 349 22.73 43.08 -10.39
N ALA A 350 21.74 42.85 -9.54
CA ALA A 350 21.55 41.55 -8.88
C ALA A 350 21.41 40.40 -9.88
N LEU A 351 20.80 40.69 -11.02
CA LEU A 351 20.68 39.70 -12.08
C LEU A 351 22.05 39.29 -12.58
N ALA A 352 22.87 40.30 -12.87
CA ALA A 352 24.24 40.07 -13.36
C ALA A 352 25.13 39.34 -12.35
N LYS A 353 24.77 39.39 -11.07
CA LYS A 353 25.49 38.66 -10.02
C LYS A 353 24.96 37.23 -9.86
N GLY A 354 23.73 37.00 -10.31
CA GLY A 354 23.16 35.65 -10.33
C GLY A 354 23.56 34.81 -11.53
N ILE A 355 23.60 35.45 -12.71
CA ILE A 355 23.87 34.78 -13.99
C ILE A 355 25.05 33.80 -13.98
N PRO A 356 26.16 34.16 -13.31
CA PRO A 356 27.28 33.22 -13.28
C PRO A 356 26.91 31.80 -12.87
N ASN A 357 26.02 31.67 -11.88
CA ASN A 357 25.49 30.36 -11.48
C ASN A 357 24.88 29.64 -12.68
N LEU A 358 24.03 30.34 -13.41
CA LEU A 358 23.51 29.80 -14.66
C LEU A 358 24.65 29.37 -15.58
N LEU A 359 25.62 30.24 -15.78
CA LEU A 359 26.68 30.00 -16.77
C LEU A 359 27.57 28.82 -16.35
N LYS A 360 27.71 28.63 -15.03
CA LYS A 360 28.39 27.46 -14.53
C LYS A 360 27.63 26.17 -14.90
N HIS A 361 26.31 26.17 -14.74
CA HIS A 361 25.54 24.99 -15.11
C HIS A 361 25.62 24.73 -16.61
N VAL A 362 25.52 25.81 -17.40
CA VAL A 362 25.65 25.74 -18.85
C VAL A 362 27.05 25.22 -19.24
N GLU A 363 28.08 25.69 -18.54
CA GLU A 363 29.43 25.22 -18.77
C GLU A 363 29.55 23.73 -18.52
N ASN A 364 29.03 23.28 -17.39
CA ASN A 364 29.10 21.87 -17.03
C ASN A 364 28.41 20.98 -18.08
N ILE A 365 27.27 21.43 -18.58
CA ILE A 365 26.54 20.68 -19.58
C ILE A 365 27.26 20.69 -20.94
N THR A 366 27.71 21.86 -21.37
CA THR A 366 28.22 22.02 -22.75
C THR A 366 29.70 21.68 -22.88
N GLN A 367 30.48 21.88 -21.83
CA GLN A 367 31.92 21.65 -21.89
C GLN A 367 32.39 20.38 -21.16
N VAL A 368 31.80 20.07 -20.00
CA VAL A 368 32.20 18.88 -19.24
C VAL A 368 31.47 17.64 -19.73
N PHE A 369 30.16 17.74 -19.90
CA PHE A 369 29.35 16.64 -20.42
C PHE A 369 29.27 16.66 -21.96
N LYS A 370 29.66 17.79 -22.55
CA LYS A 370 29.80 17.94 -24.00
C LYS A 370 28.50 17.65 -24.75
N LEU A 371 27.42 18.24 -24.26
CA LEU A 371 26.09 17.99 -24.77
C LEU A 371 25.47 19.27 -25.32
N PRO A 372 24.61 19.15 -26.35
CA PRO A 372 23.86 20.32 -26.81
C PRO A 372 22.92 20.81 -25.74
N ALA A 373 23.06 22.08 -25.39
CA ALA A 373 22.22 22.70 -24.37
C ALA A 373 21.35 23.79 -24.96
N VAL A 374 20.20 24.02 -24.31
CA VAL A 374 19.38 25.20 -24.54
C VAL A 374 18.89 25.68 -23.18
N VAL A 375 19.03 26.97 -22.93
CA VAL A 375 18.48 27.57 -21.74
C VAL A 375 17.05 28.00 -22.08
N ALA A 376 16.10 27.53 -21.27
CA ALA A 376 14.71 27.95 -21.36
C ALA A 376 14.39 28.81 -20.15
N ILE A 377 13.84 29.99 -20.38
CA ILE A 377 13.46 30.87 -19.29
C ILE A 377 11.94 30.87 -19.12
N ASN A 378 11.48 30.48 -17.94
CA ASN A 378 10.06 30.60 -17.61
C ASN A 378 9.78 32.07 -17.36
N ARG A 379 9.28 32.73 -18.39
CA ARG A 379 9.06 34.17 -18.36
C ARG A 379 7.88 34.49 -17.46
N PHE A 380 8.13 35.29 -16.42
CA PHE A 380 7.06 35.88 -15.61
C PHE A 380 6.66 37.21 -16.24
N PRO A 381 5.43 37.69 -15.94
CA PRO A 381 4.98 38.93 -16.57
C PRO A 381 5.79 40.15 -16.12
N GLN A 382 6.29 40.12 -14.89
CA GLN A 382 7.07 41.24 -14.35
C GLN A 382 8.53 41.27 -14.83
N ASP A 383 8.93 40.31 -15.67
CA ASP A 383 10.26 40.33 -16.27
C ASP A 383 10.39 41.44 -17.30
N THR A 384 11.40 42.28 -17.16
CA THR A 384 11.61 43.39 -18.11
C THR A 384 12.36 42.90 -19.35
N GLU A 385 12.11 43.56 -20.49
CA GLU A 385 12.75 43.19 -21.76
C GLU A 385 14.26 43.20 -21.63
N ALA A 386 14.78 44.10 -20.79
CA ALA A 386 16.21 44.24 -20.57
C ALA A 386 16.78 43.12 -19.68
N GLU A 387 16.00 42.68 -18.69
CA GLU A 387 16.41 41.55 -17.86
C GLU A 387 16.56 40.30 -18.72
N LEU A 388 15.56 40.06 -19.57
CA LEU A 388 15.54 38.89 -20.44
C LEU A 388 16.66 38.93 -21.48
N LYS A 389 16.98 40.12 -21.99
CA LYS A 389 18.05 40.29 -22.99
C LYS A 389 19.44 40.07 -22.38
N LEU A 390 19.61 40.48 -21.12
CA LEU A 390 20.87 40.29 -20.41
C LEU A 390 21.17 38.80 -20.22
N VAL A 391 20.15 38.02 -19.87
CA VAL A 391 20.31 36.58 -19.73
C VAL A 391 20.66 35.96 -21.08
N GLU A 392 19.94 36.36 -22.13
CA GLU A 392 20.24 35.86 -23.47
C GLU A 392 21.64 36.24 -23.93
N ASP A 393 22.03 37.50 -23.72
CA ASP A 393 23.36 37.99 -24.11
C ASP A 393 24.47 37.18 -23.46
N ARG A 394 24.39 36.99 -22.14
CA ARG A 394 25.42 36.25 -21.41
C ARG A 394 25.49 34.80 -21.87
N CYS A 395 24.34 34.23 -22.24
CA CYS A 395 24.26 32.83 -22.67
C CYS A 395 24.77 32.65 -24.09
N ASN A 396 24.39 33.57 -24.98
CA ASN A 396 24.89 33.58 -26.37
C ASN A 396 26.42 33.67 -26.48
N GLU A 397 27.06 34.30 -25.49
CA GLU A 397 28.53 34.43 -25.50
C GLU A 397 29.26 33.10 -25.23
N LEU A 398 28.53 32.12 -24.70
CA LEU A 398 29.04 30.76 -24.50
C LEU A 398 28.57 29.82 -25.62
N GLY A 399 27.76 30.35 -26.52
CA GLY A 399 27.28 29.60 -27.69
C GLY A 399 25.92 28.95 -27.52
N VAL A 400 25.22 29.29 -26.44
CA VAL A 400 23.94 28.67 -26.11
C VAL A 400 22.79 29.66 -26.30
N ASN A 401 21.75 29.22 -27.00
CA ASN A 401 20.57 30.06 -27.18
C ASN A 401 19.68 30.08 -25.95
N VAL A 402 18.76 31.04 -25.93
CA VAL A 402 17.76 31.16 -24.91
C VAL A 402 16.39 31.14 -25.60
N ALA A 403 15.48 30.33 -25.08
CA ALA A 403 14.11 30.30 -25.54
C ALA A 403 13.25 30.78 -24.40
N LEU A 404 12.38 31.75 -24.68
CA LEU A 404 11.40 32.19 -23.70
C LEU A 404 10.32 31.14 -23.64
N SER A 405 9.99 30.70 -22.43
CA SER A 405 8.93 29.72 -22.25
C SER A 405 7.80 30.33 -21.45
N GLU A 406 6.58 30.14 -21.94
CA GLU A 406 5.37 30.57 -21.25
C GLU A 406 4.38 29.42 -21.22
N VAL A 407 4.88 28.22 -20.93
CA VAL A 407 4.03 27.03 -20.92
C VAL A 407 3.09 27.02 -19.72
N TRP A 408 3.41 27.80 -18.70
CA TRP A 408 2.55 27.89 -17.54
C TRP A 408 1.22 28.52 -17.92
N ALA A 409 1.30 29.64 -18.65
CA ALA A 409 0.10 30.44 -18.98
C ALA A 409 -0.61 29.97 -20.24
N LYS A 410 0.15 29.50 -21.23
CA LYS A 410 -0.37 29.23 -22.57
C LYS A 410 -0.27 27.76 -23.00
N GLY A 411 0.27 26.90 -22.14
CA GLY A 411 0.46 25.49 -22.51
C GLY A 411 1.44 25.33 -23.66
N GLY A 412 1.22 24.30 -24.47
CA GLY A 412 2.17 23.94 -25.55
C GLY A 412 2.48 25.07 -26.50
N GLU A 413 1.53 25.98 -26.64
CA GLU A 413 1.66 27.21 -27.41
C GLU A 413 2.86 28.03 -26.93
N GLY A 414 3.11 28.00 -25.62
CA GLY A 414 4.20 28.78 -25.02
C GLY A 414 5.56 28.12 -25.00
N GLY A 415 5.67 26.92 -25.57
CA GLY A 415 6.94 26.21 -25.65
C GLY A 415 7.38 25.90 -27.06
N ILE A 416 6.80 26.60 -28.03
CA ILE A 416 7.08 26.36 -29.46
C ILE A 416 8.52 26.73 -29.76
N ALA A 417 8.95 27.89 -29.29
CA ALA A 417 10.31 28.38 -29.53
C ALA A 417 11.35 27.45 -28.91
N LEU A 418 11.02 26.90 -27.73
CA LEU A 418 11.87 25.96 -27.02
C LEU A 418 11.99 24.65 -27.80
N ALA A 419 10.84 24.14 -28.24
CA ALA A 419 10.78 22.91 -29.01
C ALA A 419 11.48 23.01 -30.37
N GLU A 420 11.31 24.14 -31.05
CA GLU A 420 11.96 24.35 -32.35
C GLU A 420 13.46 24.34 -32.19
N GLU A 421 13.93 24.90 -31.09
CA GLU A 421 15.36 24.90 -30.78
C GLU A 421 15.87 23.50 -30.45
N LEU A 422 15.04 22.72 -29.76
CA LEU A 422 15.35 21.32 -29.44
C LEU A 422 15.46 20.48 -30.71
N ILE A 423 14.56 20.71 -31.66
CA ILE A 423 14.63 20.03 -32.96
C ILE A 423 15.93 20.41 -33.68
N ARG A 424 16.27 21.70 -33.64
CA ARG A 424 17.48 22.19 -34.29
C ARG A 424 18.73 21.60 -33.65
N LEU A 425 18.73 21.48 -32.32
CA LEU A 425 19.86 20.91 -31.60
C LEU A 425 20.03 19.42 -31.89
N THR A 426 18.94 18.76 -32.27
CA THR A 426 18.95 17.31 -32.48
C THR A 426 18.83 16.94 -33.98
N GLU A 427 19.30 17.82 -34.87
CA GLU A 427 19.32 17.54 -36.31
C GLU A 427 20.66 17.97 -36.89
N ASP A 428 21.16 19.12 -36.43
CA ASP A 428 22.49 19.58 -36.82
C ASP A 428 23.55 18.61 -36.31
N GLY A 435 30.29 8.08 -28.16
CA GLY A 435 30.74 7.98 -26.78
C GLY A 435 30.28 9.13 -25.92
N LEU A 436 29.73 8.81 -24.74
CA LEU A 436 29.23 9.81 -23.80
C LEU A 436 30.36 10.26 -22.90
N ALA A 437 30.45 11.56 -22.65
CA ALA A 437 31.51 12.10 -21.79
C ALA A 437 31.05 12.13 -20.33
N TYR A 438 31.69 11.31 -19.51
CA TYR A 438 31.39 11.23 -18.09
C TYR A 438 32.43 12.04 -17.32
N VAL A 439 32.05 12.53 -16.14
CA VAL A 439 32.95 13.29 -15.28
C VAL A 439 34.17 12.45 -14.84
N TYR A 440 33.98 11.14 -14.67
CA TYR A 440 35.04 10.24 -14.21
C TYR A 440 34.90 8.86 -14.84
N GLU A 441 35.96 8.05 -14.72
CA GLU A 441 35.93 6.66 -15.14
C GLU A 441 35.66 5.76 -13.93
N LEU A 442 35.02 4.62 -14.18
CA LEU A 442 34.63 3.70 -13.11
C LEU A 442 35.82 3.08 -12.39
N ASP A 443 36.90 2.81 -13.14
CA ASP A 443 38.09 2.16 -12.60
C ASP A 443 38.89 3.05 -11.62
N MET A 444 38.58 4.34 -11.55
CA MET A 444 39.24 5.24 -10.60
C MET A 444 38.81 4.92 -9.17
N PRO A 445 39.69 5.18 -8.19
CA PRO A 445 39.28 4.98 -6.79
C PRO A 445 38.20 5.96 -6.33
N ILE A 446 37.48 5.58 -5.29
CA ILE A 446 36.32 6.33 -4.77
C ILE A 446 36.67 7.79 -4.46
N GLU A 447 37.77 8.00 -3.73
CA GLU A 447 38.24 9.35 -3.42
C GLU A 447 38.38 10.20 -4.68
N GLU A 448 38.94 9.60 -5.72
CA GLU A 448 39.29 10.34 -6.93
C GLU A 448 38.05 10.64 -7.77
N LYS A 449 37.07 9.74 -7.71
CA LYS A 449 35.77 9.94 -8.36
C LYS A 449 34.97 11.03 -7.65
N ILE A 450 35.05 11.07 -6.32
CA ILE A 450 34.44 12.15 -5.54
C ILE A 450 35.15 13.49 -5.77
N ARG A 451 36.48 13.46 -5.91
CA ARG A 451 37.24 14.66 -6.22
C ARG A 451 36.90 15.19 -7.61
N ALA A 452 36.73 14.26 -8.56
CA ALA A 452 36.39 14.59 -9.94
C ALA A 452 35.06 15.35 -10.04
N ILE A 453 34.02 14.86 -9.37
CA ILE A 453 32.71 15.51 -9.38
C ILE A 453 32.78 16.86 -8.69
N SER A 454 33.41 16.88 -7.52
CA SER A 454 33.52 18.11 -6.73
C SER A 454 34.27 19.25 -7.44
N GLN A 455 35.36 18.92 -8.12
CA GLN A 455 36.16 19.93 -8.82
C GLN A 455 35.54 20.38 -10.15
N LYS A 456 35.26 19.42 -11.04
CA LYS A 456 34.73 19.74 -12.36
C LYS A 456 33.31 20.29 -12.37
N ILE A 457 32.43 19.74 -11.52
CA ILE A 457 31.00 20.11 -11.54
C ILE A 457 30.65 21.22 -10.54
N TYR A 458 31.12 21.11 -9.31
CA TYR A 458 30.79 22.13 -8.30
C TYR A 458 31.79 23.29 -8.33
N GLY A 459 33.01 23.02 -8.83
CA GLY A 459 34.05 24.03 -8.90
C GLY A 459 34.77 24.21 -7.58
N ALA A 460 34.88 23.12 -6.82
CA ALA A 460 35.60 23.13 -5.55
C ALA A 460 37.09 23.07 -5.84
N ASP A 461 37.90 23.57 -4.89
CA ASP A 461 39.35 23.42 -4.99
C ASP A 461 39.71 21.95 -4.83
N ASP A 462 39.19 21.33 -3.78
CA ASP A 462 39.51 19.95 -3.43
C ASP A 462 38.38 19.38 -2.56
N VAL A 463 38.51 18.12 -2.18
CA VAL A 463 37.55 17.48 -1.27
C VAL A 463 38.28 16.90 -0.05
N MET A 464 37.77 17.21 1.14
CA MET A 464 38.29 16.69 2.40
C MET A 464 37.42 15.53 2.87
N PHE A 465 38.03 14.57 3.54
CA PHE A 465 37.33 13.41 4.09
C PHE A 465 37.65 13.31 5.58
N THR A 466 36.67 12.91 6.37
CA THR A 466 36.93 12.60 7.77
C THR A 466 37.73 11.30 7.85
N ASP A 467 38.22 10.98 9.05
CA ASP A 467 38.96 9.74 9.26
C ASP A 467 38.01 8.55 9.15
N LYS A 468 36.77 8.75 9.61
CA LYS A 468 35.70 7.75 9.47
C LYS A 468 35.39 7.46 7.99
N ALA A 469 35.30 8.53 7.18
CA ALA A 469 35.04 8.39 5.76
C ALA A 469 36.14 7.61 5.05
N LEU A 470 37.40 7.93 5.35
CA LEU A 470 38.55 7.24 4.76
C LEU A 470 38.59 5.75 5.08
N LYS A 471 38.22 5.42 6.31
CA LYS A 471 38.15 4.03 6.75
C LYS A 471 37.01 3.32 5.99
N GLU A 472 35.83 3.91 6.03
CA GLU A 472 34.66 3.35 5.33
C GLU A 472 34.97 3.13 3.87
N ILE A 473 35.53 4.16 3.22
CA ILE A 473 35.98 4.07 1.82
C ILE A 473 36.90 2.86 1.59
N ALA A 474 37.88 2.69 2.47
CA ALA A 474 38.85 1.59 2.36
C ALA A 474 38.20 0.21 2.47
N ASN A 475 37.27 0.06 3.42
CA ASN A 475 36.54 -1.21 3.56
C ASN A 475 35.72 -1.54 2.31
N LEU A 476 35.22 -0.50 1.63
CA LEU A 476 34.44 -0.69 0.41
C LEU A 476 35.32 -0.97 -0.78
N GLU A 477 36.51 -0.35 -0.80
CA GLU A 477 37.53 -0.69 -1.79
C GLU A 477 37.87 -2.18 -1.72
N LYS A 478 38.16 -2.66 -0.52
CA LYS A 478 38.62 -4.05 -0.34
C LYS A 478 37.49 -5.05 -0.57
N LEU A 479 36.28 -4.71 -0.14
CA LEU A 479 35.12 -5.58 -0.37
C LEU A 479 34.64 -5.62 -1.83
N GLY A 480 35.31 -4.89 -2.73
CA GLY A 480 35.02 -4.96 -4.15
C GLY A 480 33.84 -4.09 -4.57
N PHE A 481 33.87 -2.83 -4.13
CA PHE A 481 32.86 -1.84 -4.52
C PHE A 481 33.53 -0.59 -5.10
N GLY A 482 34.78 -0.71 -5.51
CA GLY A 482 35.55 0.44 -5.98
C GLY A 482 35.40 0.79 -7.45
N LYS A 483 34.67 -0.04 -8.21
CA LYS A 483 34.45 0.20 -9.65
C LYS A 483 33.07 0.78 -9.94
N MET A 484 32.44 1.36 -8.92
CA MET A 484 31.04 1.78 -9.02
C MET A 484 30.92 3.28 -9.18
N PRO A 485 29.82 3.74 -9.78
CA PRO A 485 29.48 5.18 -9.72
C PRO A 485 29.34 5.67 -8.29
N VAL A 486 29.57 6.96 -8.08
CA VAL A 486 29.45 7.58 -6.78
C VAL A 486 28.32 8.62 -6.75
N CYS A 487 27.48 8.53 -5.72
CA CYS A 487 26.32 9.41 -5.54
C CYS A 487 26.56 10.36 -4.38
N ILE A 488 26.89 11.61 -4.68
CA ILE A 488 27.18 12.60 -3.65
C ILE A 488 25.88 13.27 -3.16
N ALA A 489 25.56 13.04 -1.89
CA ALA A 489 24.39 13.63 -1.24
C ALA A 489 24.82 14.91 -0.58
N LYS A 490 24.16 16.01 -0.95
CA LYS A 490 24.45 17.31 -0.38
C LYS A 490 23.32 18.31 -0.68
N THR A 491 23.40 19.49 -0.07
CA THR A 491 22.38 20.51 -0.26
C THR A 491 22.22 20.84 -1.74
N GLN A 492 20.98 21.12 -2.13
CA GLN A 492 20.66 21.50 -3.49
C GLN A 492 20.69 23.01 -3.68
N TYR A 493 20.62 23.76 -2.58
CA TYR A 493 20.47 25.22 -2.62
C TYR A 493 21.80 25.95 -2.87
N SER A 494 22.89 25.20 -2.97
CA SER A 494 24.21 25.76 -3.18
C SER A 494 25.08 24.76 -3.95
N LEU A 495 25.99 25.29 -4.77
CA LEU A 495 26.97 24.47 -5.50
C LEU A 495 28.03 23.89 -4.53
N THR A 496 28.17 24.51 -3.36
CA THR A 496 28.97 23.98 -2.27
C THR A 496 28.10 23.03 -1.43
N ASP A 497 28.60 22.62 -0.27
CA ASP A 497 27.80 21.84 0.68
C ASP A 497 27.26 22.74 1.82
N ASP A 498 27.47 24.04 1.67
CA ASP A 498 26.89 25.05 2.57
C ASP A 498 25.74 25.77 1.86
N PRO A 499 24.49 25.50 2.29
CA PRO A 499 23.30 26.12 1.71
C PRO A 499 23.33 27.66 1.62
N LYS A 500 24.10 28.32 2.48
CA LYS A 500 24.16 29.78 2.47
C LYS A 500 24.92 30.32 1.26
N LYS A 501 25.94 29.58 0.82
CA LYS A 501 26.78 30.01 -0.30
C LYS A 501 25.97 30.05 -1.60
N LEU A 502 25.33 31.17 -1.86
CA LEU A 502 24.70 31.42 -3.16
C LEU A 502 25.77 31.93 -4.14
N GLY A 503 25.35 32.32 -5.34
CA GLY A 503 26.27 32.81 -6.36
C GLY A 503 26.97 31.68 -7.09
N ARG A 504 28.19 31.96 -7.56
CA ARG A 504 29.08 30.95 -8.12
C ARG A 504 30.32 30.88 -7.23
N PRO A 505 30.21 30.19 -6.08
CA PRO A 505 31.26 30.23 -5.08
C PRO A 505 32.64 29.77 -5.57
N SER A 506 33.69 30.39 -5.02
CA SER A 506 35.06 30.09 -5.36
C SER A 506 35.83 29.76 -4.08
N GLY A 507 36.94 29.02 -4.22
CA GLY A 507 37.84 28.77 -3.10
C GLY A 507 37.18 28.11 -1.91
N PHE A 508 36.50 27.00 -2.19
CA PHE A 508 35.84 26.21 -1.16
C PHE A 508 36.22 24.74 -1.34
N ASN A 509 35.93 23.96 -0.31
CA ASN A 509 36.08 22.52 -0.38
C ASN A 509 34.80 21.85 0.07
N ILE A 510 34.66 20.59 -0.33
CA ILE A 510 33.58 19.75 0.13
C ILE A 510 34.16 18.81 1.16
N THR A 511 33.35 18.48 2.16
CA THR A 511 33.76 17.60 3.24
C THR A 511 32.87 16.37 3.26
N VAL A 512 33.45 15.21 2.97
CA VAL A 512 32.73 13.94 2.99
C VAL A 512 32.84 13.29 4.37
N ARG A 513 31.71 13.15 5.04
CA ARG A 513 31.66 12.74 6.43
C ARG A 513 31.25 11.29 6.63
N ASP A 514 30.68 10.67 5.59
CA ASP A 514 30.12 9.32 5.69
C ASP A 514 29.94 8.68 4.30
N VAL A 515 30.44 7.46 4.15
CA VAL A 515 30.37 6.72 2.89
C VAL A 515 29.82 5.33 3.11
N SER A 516 28.80 4.95 2.34
CA SER A 516 28.23 3.59 2.39
C SER A 516 27.83 3.16 0.99
N VAL A 517 27.24 1.99 0.87
CA VAL A 517 26.98 1.40 -0.44
C VAL A 517 25.53 0.95 -0.61
N SER A 518 25.01 1.18 -1.81
CA SER A 518 23.76 0.63 -2.25
C SER A 518 24.14 -0.39 -3.33
N ALA A 519 24.47 -1.59 -2.87
CA ALA A 519 25.13 -2.58 -3.73
C ALA A 519 24.15 -3.12 -4.75
N GLY A 520 22.88 -3.21 -4.36
CA GLY A 520 21.84 -3.55 -5.31
C GLY A 520 21.66 -2.52 -6.41
N ALA A 521 21.58 -1.24 -6.01
CA ALA A 521 21.38 -0.15 -6.96
C ALA A 521 22.63 0.09 -7.80
N GLY A 522 23.78 -0.20 -7.21
CA GLY A 522 25.05 -0.20 -7.95
C GLY A 522 25.84 1.09 -7.83
N PHE A 523 25.72 1.77 -6.70
CA PHE A 523 26.52 2.97 -6.48
C PHE A 523 26.86 3.21 -5.03
N ILE A 524 27.84 4.07 -4.82
CA ILE A 524 28.34 4.37 -3.48
C ILE A 524 27.64 5.67 -3.11
N VAL A 525 27.11 5.76 -1.89
CA VAL A 525 26.54 7.03 -1.43
C VAL A 525 27.53 7.75 -0.54
N ALA A 526 27.92 8.96 -0.92
CA ALA A 526 28.87 9.77 -0.15
C ALA A 526 28.16 10.98 0.45
N VAL A 527 27.98 10.97 1.76
CA VAL A 527 27.23 12.03 2.45
C VAL A 527 28.18 13.14 2.91
N THR A 528 27.78 14.38 2.68
CA THR A 528 28.60 15.56 3.03
C THR A 528 28.02 16.41 4.17
N GLY A 529 26.78 16.14 4.58
CA GLY A 529 26.16 16.87 5.66
C GLY A 529 24.97 16.14 6.23
N ASP A 530 24.11 16.87 6.93
CA ASP A 530 22.88 16.30 7.44
C ASP A 530 22.05 15.81 6.25
N ILE A 531 21.58 14.58 6.33
CA ILE A 531 20.70 14.05 5.31
C ILE A 531 19.41 13.51 5.95
N MET A 532 18.31 14.22 5.70
CA MET A 532 17.00 13.89 6.26
C MET A 532 16.28 12.86 5.39
N LYS A 533 16.28 11.60 5.82
CA LYS A 533 15.59 10.54 5.07
C LYS A 533 14.15 10.31 5.52
N MET A 534 13.69 11.06 6.52
CA MET A 534 12.34 10.93 7.03
C MET A 534 11.85 12.30 7.50
N PRO A 535 11.15 13.02 6.62
CA PRO A 535 10.62 14.33 7.04
C PRO A 535 9.53 14.21 8.11
N GLY A 536 9.44 15.22 8.97
CA GLY A 536 8.42 15.29 10.00
C GLY A 536 7.26 16.20 9.60
N LEU A 537 6.19 16.14 10.38
CA LEU A 537 5.00 16.91 10.13
C LEU A 537 5.10 18.28 10.82
N PRO A 538 4.50 19.30 10.20
CA PRO A 538 4.50 20.62 10.83
C PRO A 538 3.50 20.70 11.96
N LYS A 539 3.48 21.84 12.65
CA LYS A 539 2.59 22.04 13.78
C LYS A 539 1.15 21.81 13.35
N VAL A 540 0.79 22.32 12.18
CA VAL A 540 -0.55 22.12 11.63
C VAL A 540 -0.44 21.40 10.28
N PRO A 541 -0.52 20.06 10.30
CA PRO A 541 -0.47 19.29 9.07
C PRO A 541 -1.61 19.64 8.12
N ALA A 542 -1.32 19.59 6.83
CA ALA A 542 -2.33 19.75 5.78
C ALA A 542 -3.47 18.78 5.99
N ALA A 543 -3.13 17.55 6.39
CA ALA A 543 -4.13 16.55 6.77
C ALA A 543 -5.34 17.13 7.50
N GLU A 544 -5.12 18.09 8.40
CA GLU A 544 -6.20 18.65 9.23
C GLU A 544 -7.34 19.25 8.40
N LYS A 545 -7.02 19.77 7.21
CA LYS A 545 -8.02 20.44 6.36
C LYS A 545 -8.43 19.62 5.16
N ILE A 546 -7.91 18.40 5.04
CA ILE A 546 -8.34 17.49 4.01
C ILE A 546 -9.67 16.89 4.46
N ASP A 547 -10.61 16.75 3.53
CA ASP A 547 -11.95 16.30 3.89
C ASP A 547 -12.61 15.60 2.72
N VAL A 548 -13.60 14.77 3.00
CA VAL A 548 -14.38 14.08 1.98
C VAL A 548 -15.88 14.21 2.28
N ASP A 549 -16.69 14.41 1.24
CA ASP A 549 -18.16 14.54 1.37
C ASP A 549 -18.91 13.23 1.04
N GLU A 550 -20.25 13.23 1.16
CA GLU A 550 -21.05 12.01 0.98
C GLU A 550 -20.88 11.39 -0.38
N LYS A 551 -20.54 12.20 -1.38
CA LYS A 551 -20.37 11.69 -2.74
C LYS A 551 -19.00 11.04 -2.90
N GLY A 552 -18.08 11.38 -2.00
CA GLY A 552 -16.71 10.88 -2.06
C GLY A 552 -15.76 11.82 -2.77
N VAL A 553 -16.07 13.11 -2.76
CA VAL A 553 -15.17 14.10 -3.35
C VAL A 553 -14.24 14.58 -2.25
N ILE A 554 -12.94 14.55 -2.54
CA ILE A 554 -11.94 15.05 -1.62
C ILE A 554 -11.72 16.52 -1.87
N SER A 555 -11.63 17.27 -0.78
CA SER A 555 -11.23 18.67 -0.82
C SER A 555 -10.14 18.87 0.22
N GLY A 556 -9.34 19.92 0.02
CA GLY A 556 -8.31 20.32 0.99
C GLY A 556 -6.93 19.78 0.70
N LEU A 557 -6.79 19.10 -0.43
CA LEU A 557 -5.56 18.40 -0.78
C LEU A 557 -4.49 19.34 -1.35
N PHE A 558 -4.91 20.52 -1.78
CA PHE A 558 -4.03 21.46 -2.49
C PHE A 558 -4.27 22.92 -2.10
N LYS B 1 -4.91 -32.34 -9.00
CA LYS B 1 -5.20 -31.05 -9.71
C LYS B 1 -5.40 -29.92 -8.69
N SER B 2 -4.37 -29.09 -8.51
CA SER B 2 -4.36 -28.05 -7.48
C SER B 2 -5.44 -26.99 -7.65
N ASP B 3 -5.70 -26.24 -6.58
CA ASP B 3 -6.59 -25.09 -6.64
C ASP B 3 -6.07 -24.09 -7.66
N ILE B 4 -4.75 -23.88 -7.64
CA ILE B 4 -4.08 -22.98 -8.59
C ILE B 4 -4.15 -23.52 -10.02
N GLU B 5 -3.91 -24.82 -10.19
CA GLU B 5 -4.12 -25.48 -11.49
C GLU B 5 -5.56 -25.30 -11.97
N ILE B 6 -6.53 -25.56 -11.10
CA ILE B 6 -7.94 -25.43 -11.45
C ILE B 6 -8.22 -24.01 -11.89
N ALA B 7 -7.76 -23.05 -11.10
CA ALA B 7 -8.03 -21.63 -11.34
C ALA B 7 -7.39 -21.11 -12.64
N GLN B 8 -6.25 -21.68 -12.99
CA GLN B 8 -5.54 -21.29 -14.22
C GLN B 8 -6.09 -21.99 -15.47
N SER B 9 -6.76 -23.12 -15.26
CA SER B 9 -7.35 -23.91 -16.37
C SER B 9 -8.71 -23.41 -16.85
N VAL B 10 -9.15 -22.25 -16.37
CA VAL B 10 -10.48 -21.75 -16.65
C VAL B 10 -10.42 -20.31 -17.17
N LYS B 11 -10.93 -20.10 -18.37
CA LYS B 11 -10.98 -18.77 -18.95
C LYS B 11 -11.98 -17.93 -18.16
N LEU B 12 -11.47 -16.90 -17.47
CA LEU B 12 -12.31 -15.94 -16.75
C LEU B 12 -13.01 -15.03 -17.72
N GLN B 13 -14.14 -14.48 -17.31
CA GLN B 13 -14.86 -13.52 -18.12
C GLN B 13 -14.37 -12.13 -17.78
N ASP B 14 -14.19 -11.32 -18.82
CA ASP B 14 -13.90 -9.90 -18.66
C ASP B 14 -14.89 -9.34 -17.66
N ILE B 15 -14.37 -8.59 -16.69
CA ILE B 15 -15.16 -8.12 -15.56
C ILE B 15 -16.30 -7.15 -15.95
N ARG B 16 -16.23 -6.59 -17.16
CA ARG B 16 -17.32 -5.73 -17.64
C ARG B 16 -18.56 -6.54 -18.02
N GLU B 17 -18.35 -7.79 -18.42
CA GLU B 17 -19.46 -8.68 -18.72
C GLU B 17 -20.07 -9.31 -17.46
N ILE B 18 -19.24 -9.51 -16.44
CA ILE B 18 -19.71 -9.95 -15.12
C ILE B 18 -20.56 -8.83 -14.52
N ALA B 19 -20.10 -7.59 -14.69
CA ALA B 19 -20.81 -6.42 -14.18
C ALA B 19 -22.11 -6.20 -14.93
N ALA B 20 -22.11 -6.56 -16.22
CA ALA B 20 -23.30 -6.50 -17.06
C ALA B 20 -24.46 -7.28 -16.43
N LYS B 21 -24.16 -8.50 -15.97
CA LYS B 21 -25.13 -9.36 -15.26
C LYS B 21 -25.78 -8.70 -14.04
N LEU B 22 -25.18 -7.63 -13.51
CA LEU B 22 -25.75 -6.86 -12.40
C LEU B 22 -26.36 -5.53 -12.88
N GLY B 23 -26.35 -5.32 -14.19
CA GLY B 23 -26.87 -4.09 -14.79
C GLY B 23 -25.97 -2.90 -14.55
N LEU B 24 -24.69 -3.16 -14.30
CA LEU B 24 -23.69 -2.11 -14.14
C LEU B 24 -23.05 -1.83 -15.49
N THR B 25 -22.77 -0.57 -15.77
CA THR B 25 -22.10 -0.20 -17.03
C THR B 25 -20.68 0.31 -16.76
N GLU B 26 -19.93 0.53 -17.84
CA GLU B 26 -18.63 1.19 -17.78
C GLU B 26 -18.59 2.36 -16.79
N ASP B 27 -19.67 3.14 -16.75
CA ASP B 27 -19.74 4.32 -15.89
C ASP B 27 -19.95 4.02 -14.40
N ASP B 28 -20.23 2.78 -14.05
CA ASP B 28 -20.49 2.42 -12.66
C ASP B 28 -19.28 1.79 -11.98
N ILE B 29 -18.24 1.48 -12.75
CA ILE B 29 -17.11 0.73 -12.23
C ILE B 29 -15.75 1.33 -12.62
N ASP B 30 -14.75 1.12 -11.78
CA ASP B 30 -13.37 1.49 -12.06
C ASP B 30 -12.61 0.20 -12.26
N LEU B 31 -12.06 0.00 -13.47
CA LEU B 31 -11.36 -1.24 -13.78
C LEU B 31 -10.00 -1.28 -13.11
N TYR B 32 -9.61 -2.46 -12.67
CA TYR B 32 -8.28 -2.70 -12.16
C TYR B 32 -7.81 -3.92 -12.90
N GLY B 33 -7.43 -3.71 -14.16
CA GLY B 33 -7.11 -4.81 -15.06
C GLY B 33 -8.37 -5.39 -15.68
N LYS B 34 -8.22 -6.55 -16.29
CA LYS B 34 -9.29 -7.18 -17.07
C LYS B 34 -10.32 -7.94 -16.20
N TYR B 35 -9.88 -8.38 -15.03
CA TYR B 35 -10.66 -9.31 -14.20
C TYR B 35 -11.01 -8.77 -12.79
N LYS B 36 -10.86 -7.48 -12.58
CA LYS B 36 -11.19 -6.85 -11.30
C LYS B 36 -11.75 -5.46 -11.55
N ALA B 37 -12.68 -5.05 -10.71
CA ALA B 37 -13.23 -3.70 -10.82
C ALA B 37 -13.86 -3.22 -9.52
N LYS B 38 -13.83 -1.92 -9.31
CA LYS B 38 -14.46 -1.31 -8.14
C LYS B 38 -15.78 -0.69 -8.53
N VAL B 39 -16.83 -1.00 -7.76
CA VAL B 39 -18.18 -0.51 -8.02
C VAL B 39 -18.41 0.78 -7.22
N ASP B 40 -18.80 1.84 -7.92
CA ASP B 40 -19.11 3.11 -7.27
C ASP B 40 -20.18 2.88 -6.20
N TYR B 41 -19.93 3.37 -4.98
CA TYR B 41 -20.87 3.21 -3.85
C TYR B 41 -22.00 4.25 -3.83
N ASN B 42 -21.96 5.21 -4.75
CA ASN B 42 -23.06 6.17 -4.85
C ASN B 42 -24.32 5.60 -5.51
N LEU B 43 -24.21 4.40 -6.09
CA LEU B 43 -25.38 3.64 -6.52
C LEU B 43 -26.34 3.34 -5.37
N LEU B 44 -25.82 3.29 -4.14
CA LEU B 44 -26.62 2.87 -2.99
C LEU B 44 -27.64 3.90 -2.49
N ASN B 45 -27.72 5.06 -3.12
CA ASN B 45 -28.81 5.99 -2.84
C ASN B 45 -29.68 6.26 -4.07
N ASN B 46 -30.04 5.18 -4.78
CA ASN B 46 -31.06 5.23 -5.85
C ASN B 46 -31.66 3.84 -6.14
N LYS B 50 -36.16 -2.24 -3.37
CA LYS B 50 -36.23 -3.68 -3.09
C LYS B 50 -34.85 -4.23 -2.73
N LYS B 51 -34.83 -5.31 -1.94
CA LYS B 51 -33.57 -5.94 -1.55
C LYS B 51 -33.63 -7.47 -1.42
N ALA B 52 -32.46 -8.08 -1.55
CA ALA B 52 -32.31 -9.52 -1.67
C ALA B 52 -32.58 -10.28 -0.39
N LYS B 53 -32.59 -11.61 -0.52
CA LYS B 53 -32.53 -12.51 0.62
C LYS B 53 -31.06 -12.75 0.95
N LEU B 54 -30.74 -12.70 2.23
CA LEU B 54 -29.35 -12.78 2.69
C LEU B 54 -29.10 -14.14 3.32
N ILE B 55 -28.14 -14.90 2.80
CA ILE B 55 -27.78 -16.21 3.37
C ILE B 55 -26.42 -16.11 4.10
N LEU B 56 -26.36 -16.64 5.32
CA LEU B 56 -25.15 -16.62 6.12
C LEU B 56 -24.49 -18.00 6.12
N THR B 57 -23.23 -18.08 5.72
CA THR B 57 -22.54 -19.35 5.84
C THR B 57 -21.68 -19.32 7.10
N THR B 58 -22.03 -20.21 8.03
CA THR B 58 -21.25 -20.38 9.23
C THR B 58 -20.81 -21.84 9.28
N ALA B 59 -20.31 -22.28 10.42
CA ALA B 59 -19.80 -23.65 10.53
C ALA B 59 -19.73 -24.15 11.98
N ILE B 60 -19.50 -25.45 12.13
CA ILE B 60 -19.28 -26.04 13.45
C ILE B 60 -17.94 -25.59 14.02
N THR B 61 -17.59 -26.06 15.21
CA THR B 61 -16.31 -25.71 15.81
C THR B 61 -15.15 -26.20 14.94
N PRO B 62 -14.30 -25.28 14.46
CA PRO B 62 -13.26 -25.64 13.50
C PRO B 62 -12.18 -26.57 14.00
N THR B 63 -11.61 -27.35 13.07
CA THR B 63 -10.43 -28.16 13.33
C THR B 63 -9.21 -27.38 12.87
N PRO B 64 -8.00 -27.88 13.19
CA PRO B 64 -6.76 -27.26 12.68
C PRO B 64 -6.71 -27.14 11.15
N ALA B 65 -7.32 -28.08 10.44
CA ALA B 65 -7.36 -28.07 8.98
C ALA B 65 -8.50 -27.18 8.45
N GLY B 66 -9.69 -27.75 8.27
CA GLY B 66 -10.82 -26.98 7.78
C GLY B 66 -12.07 -27.82 7.55
N GLU B 67 -13.20 -27.14 7.36
CA GLU B 67 -14.46 -27.80 6.97
C GLU B 67 -14.96 -27.31 5.59
N GLY B 68 -14.15 -26.49 4.92
CA GLY B 68 -14.50 -25.97 3.61
C GLY B 68 -15.69 -25.03 3.68
N LYS B 69 -15.68 -24.11 4.64
CA LYS B 69 -16.79 -23.16 4.81
C LYS B 69 -16.88 -22.24 3.61
N THR B 70 -15.78 -21.56 3.29
CA THR B 70 -15.75 -20.61 2.18
C THR B 70 -16.05 -21.32 0.86
N THR B 71 -15.49 -22.51 0.69
CA THR B 71 -15.81 -23.36 -0.46
C THR B 71 -17.31 -23.62 -0.58
N THR B 72 -17.97 -23.96 0.53
CA THR B 72 -19.43 -24.13 0.53
C THR B 72 -20.16 -22.81 0.22
N THR B 73 -19.64 -21.71 0.76
CA THR B 73 -20.24 -20.39 0.54
C THR B 73 -20.25 -20.03 -0.95
N ILE B 74 -19.15 -20.34 -1.63
CA ILE B 74 -19.05 -20.11 -3.07
C ILE B 74 -19.94 -21.10 -3.82
N GLY B 75 -19.81 -22.38 -3.50
CA GLY B 75 -20.62 -23.44 -4.10
C GLY B 75 -22.13 -23.20 -4.05
N ALA B 76 -22.62 -22.62 -2.95
CA ALA B 76 -24.04 -22.32 -2.77
C ALA B 76 -24.52 -21.27 -3.75
N ALA B 77 -23.74 -20.20 -3.89
CA ALA B 77 -24.00 -19.12 -4.84
C ALA B 77 -23.97 -19.57 -6.29
N ASP B 78 -23.01 -20.42 -6.63
CA ASP B 78 -22.91 -21.00 -7.97
C ASP B 78 -24.14 -21.86 -8.27
N ALA B 79 -24.61 -22.62 -7.28
CA ALA B 79 -25.79 -23.44 -7.42
C ALA B 79 -27.06 -22.61 -7.61
N LEU B 80 -27.22 -21.55 -6.84
CA LEU B 80 -28.40 -20.68 -7.02
C LEU B 80 -28.43 -20.08 -8.43
N THR B 81 -27.27 -19.67 -8.91
CA THR B 81 -27.13 -19.12 -10.25
C THR B 81 -27.61 -20.11 -11.31
N ARG B 82 -27.15 -21.35 -11.21
CA ARG B 82 -27.59 -22.42 -12.12
C ARG B 82 -29.11 -22.59 -12.09
N LEU B 83 -29.71 -22.45 -10.91
CA LEU B 83 -31.15 -22.56 -10.79
C LEU B 83 -31.87 -21.29 -11.26
N GLY B 84 -31.12 -20.38 -11.86
CA GLY B 84 -31.68 -19.19 -12.48
C GLY B 84 -31.93 -18.03 -11.53
N LYS B 85 -31.24 -18.03 -10.40
CA LYS B 85 -31.34 -16.93 -9.44
C LYS B 85 -30.18 -15.94 -9.64
N LYS B 86 -30.50 -14.65 -9.75
CA LYS B 86 -29.47 -13.62 -9.81
C LYS B 86 -28.81 -13.53 -8.44
N THR B 87 -27.57 -14.01 -8.35
CA THR B 87 -26.89 -14.19 -7.08
C THR B 87 -25.52 -13.54 -7.03
N ILE B 88 -25.15 -13.08 -5.83
CA ILE B 88 -23.80 -12.58 -5.55
C ILE B 88 -23.25 -13.26 -4.31
N VAL B 89 -22.01 -13.74 -4.40
CA VAL B 89 -21.27 -14.23 -3.24
C VAL B 89 -20.38 -13.11 -2.74
N ALA B 90 -20.51 -12.77 -1.47
CA ALA B 90 -19.69 -11.74 -0.83
C ALA B 90 -18.71 -12.33 0.17
N LEU B 91 -17.43 -12.03 0.01
CA LEU B 91 -16.36 -12.61 0.85
C LEU B 91 -15.36 -11.57 1.32
N ARG B 92 -14.50 -12.00 2.23
CA ARG B 92 -13.42 -11.16 2.76
C ARG B 92 -12.15 -11.26 1.91
N GLU B 93 -11.33 -10.21 1.94
CA GLU B 93 -10.02 -10.22 1.28
C GLU B 93 -9.00 -10.71 2.28
N PRO B 94 -8.19 -11.73 1.90
CA PRO B 94 -7.18 -12.15 2.84
C PRO B 94 -6.03 -11.16 2.90
N SER B 95 -5.40 -11.05 4.08
CA SER B 95 -4.25 -10.21 4.24
C SER B 95 -3.09 -10.83 3.46
N LEU B 96 -2.11 -10.00 3.12
CA LEU B 96 -0.96 -10.36 2.32
C LEU B 96 0.11 -11.09 3.15
N GLY B 97 0.14 -10.83 4.45
CA GLY B 97 1.18 -11.32 5.33
C GLY B 97 1.45 -12.82 5.28
N PRO B 98 0.40 -13.64 5.50
CA PRO B 98 0.56 -15.09 5.54
C PRO B 98 1.07 -15.69 4.22
N VAL B 99 0.71 -15.09 3.09
CA VAL B 99 1.19 -15.53 1.77
C VAL B 99 2.71 -15.75 1.75
N PHE B 100 3.46 -14.96 2.51
CA PHE B 100 4.91 -14.99 2.48
C PHE B 100 5.54 -15.76 3.64
N GLY B 101 4.72 -16.14 4.61
CA GLY B 101 5.16 -16.99 5.71
C GLY B 101 4.84 -18.45 5.46
N ILE B 102 3.56 -18.79 5.50
CA ILE B 102 3.14 -20.19 5.52
C ILE B 102 2.30 -20.52 4.27
N LYS B 103 2.62 -19.88 3.15
CA LYS B 103 1.94 -20.12 1.88
C LYS B 103 0.57 -19.43 1.79
N GLY B 104 0.25 -18.95 0.58
CA GLY B 104 -1.07 -18.43 0.30
C GLY B 104 -2.07 -19.57 0.09
N GLY B 105 -3.26 -19.22 -0.37
CA GLY B 105 -4.28 -20.23 -0.67
C GLY B 105 -5.44 -19.67 -1.45
N ALA B 106 -6.30 -20.54 -1.93
CA ALA B 106 -7.47 -20.15 -2.72
C ALA B 106 -8.57 -19.44 -1.92
N ALA B 107 -9.31 -18.58 -2.60
CA ALA B 107 -10.55 -18.09 -2.05
C ALA B 107 -11.57 -19.17 -2.37
N GLY B 108 -11.86 -20.01 -1.38
CA GLY B 108 -12.66 -21.22 -1.58
C GLY B 108 -11.73 -22.42 -1.76
N GLY B 109 -12.06 -23.29 -2.71
CA GLY B 109 -11.25 -24.45 -3.01
C GLY B 109 -11.89 -25.25 -4.12
N GLY B 110 -11.15 -26.22 -4.66
CA GLY B 110 -11.67 -27.10 -5.70
C GLY B 110 -12.25 -26.34 -6.89
N TYR B 111 -13.47 -26.73 -7.28
CA TYR B 111 -14.20 -26.07 -8.35
C TYR B 111 -15.19 -25.03 -7.79
N ALA B 112 -14.94 -24.62 -6.53
CA ALA B 112 -15.71 -23.58 -5.87
C ALA B 112 -14.73 -22.51 -5.40
N GLN B 113 -14.32 -21.63 -6.32
CA GLN B 113 -13.32 -20.61 -6.05
C GLN B 113 -13.78 -19.24 -6.51
N VAL B 114 -13.21 -18.20 -5.92
CA VAL B 114 -13.31 -16.86 -6.48
C VAL B 114 -11.95 -16.46 -6.99
N VAL B 115 -11.93 -15.85 -8.16
CA VAL B 115 -10.69 -15.61 -8.92
C VAL B 115 -10.71 -14.19 -9.47
N PRO B 116 -9.55 -13.63 -9.86
CA PRO B 116 -8.20 -14.21 -9.94
C PRO B 116 -7.58 -14.50 -8.58
N MET B 117 -7.10 -15.72 -8.42
CA MET B 117 -6.59 -16.20 -7.15
C MET B 117 -5.31 -15.47 -6.75
N GLU B 118 -4.43 -15.22 -7.72
CA GLU B 118 -3.11 -14.63 -7.44
C GLU B 118 -3.22 -13.17 -6.97
N ASP B 119 -4.00 -12.37 -7.69
CA ASP B 119 -4.21 -10.97 -7.35
C ASP B 119 -4.88 -10.79 -5.99
N ILE B 120 -5.91 -11.58 -5.71
CA ILE B 120 -6.63 -11.52 -4.45
C ILE B 120 -5.69 -11.75 -3.28
N ASN B 121 -4.76 -12.69 -3.45
CA ASN B 121 -3.75 -12.95 -2.44
C ASN B 121 -2.72 -11.82 -2.31
N LEU B 122 -2.36 -11.17 -3.42
CA LEU B 122 -1.34 -10.11 -3.37
C LEU B 122 -1.96 -8.76 -3.05
N HIS B 123 -1.72 -7.74 -3.89
CA HIS B 123 -2.12 -6.36 -3.58
C HIS B 123 -3.60 -6.14 -3.85
N PHE B 124 -4.21 -7.08 -4.58
CA PHE B 124 -5.59 -6.97 -5.10
C PHE B 124 -5.86 -5.57 -5.66
N THR B 125 -6.80 -4.81 -5.10
CA THR B 125 -7.03 -3.45 -5.58
C THR B 125 -6.46 -2.38 -4.64
N GLY B 126 -5.64 -2.82 -3.69
CA GLY B 126 -4.93 -1.90 -2.79
C GLY B 126 -5.72 -1.45 -1.57
N ASP B 127 -6.71 -2.25 -1.14
CA ASP B 127 -7.52 -1.85 0.01
C ASP B 127 -6.70 -1.88 1.29
N ILE B 128 -5.92 -2.94 1.48
CA ILE B 128 -5.21 -3.11 2.74
C ILE B 128 -4.08 -2.11 2.86
N HIS B 129 -3.48 -1.73 1.73
CA HIS B 129 -2.46 -0.68 1.72
C HIS B 129 -3.07 0.67 2.11
N ALA B 130 -4.31 0.94 1.66
CA ALA B 130 -4.96 2.21 1.97
C ALA B 130 -5.24 2.24 3.47
N ILE B 131 -5.73 1.12 3.98
CA ILE B 131 -5.99 0.97 5.40
C ILE B 131 -4.75 1.14 6.27
N THR B 132 -3.62 0.63 5.80
CA THR B 132 -2.34 0.75 6.49
C THR B 132 -1.89 2.19 6.54
N ALA B 133 -1.96 2.86 5.40
CA ALA B 133 -1.63 4.30 5.33
C ALA B 133 -2.48 5.14 6.28
N ALA B 134 -3.74 4.79 6.42
CA ALA B 134 -4.66 5.59 7.24
C ALA B 134 -4.33 5.41 8.72
N ASN B 135 -4.13 4.15 9.11
CA ASN B 135 -3.72 3.81 10.46
C ASN B 135 -2.45 4.56 10.83
N ASN B 136 -1.41 4.38 10.02
CA ASN B 136 -0.12 5.00 10.29
C ASN B 136 -0.12 6.55 10.19
N LEU B 137 -1.02 7.13 9.39
CA LEU B 137 -1.16 8.61 9.38
C LEU B 137 -1.64 9.08 10.76
N LEU B 138 -2.73 8.47 11.21
CA LEU B 138 -3.26 8.74 12.54
C LEU B 138 -2.16 8.66 13.61
N ALA B 139 -1.38 7.57 13.61
CA ALA B 139 -0.33 7.39 14.60
C ALA B 139 0.68 8.51 14.52
N ALA B 140 1.11 8.85 13.31
CA ALA B 140 2.08 9.91 13.13
C ALA B 140 1.49 11.27 13.58
N MET B 141 0.19 11.48 13.35
CA MET B 141 -0.48 12.70 13.82
C MET B 141 -0.57 12.71 15.36
N VAL B 142 -0.79 11.56 16.00
CA VAL B 142 -0.77 11.51 17.47
C VAL B 142 0.59 11.94 18.01
N ASP B 143 1.65 11.37 17.45
CA ASP B 143 3.00 11.68 17.90
C ASP B 143 3.41 13.11 17.55
N ASN B 144 2.99 13.61 16.38
CA ASN B 144 3.28 15.00 16.01
C ASN B 144 2.67 15.97 17.01
N HIS B 145 1.47 15.65 17.47
CA HIS B 145 0.76 16.54 18.38
C HIS B 145 1.48 16.66 19.73
N ILE B 146 1.92 15.52 20.27
CA ILE B 146 2.73 15.49 21.48
C ILE B 146 4.02 16.28 21.28
N PHE B 147 4.68 16.06 20.14
CA PHE B 147 5.98 16.68 19.82
C PHE B 147 5.87 18.19 19.69
N GLN B 148 4.83 18.65 18.99
CA GLN B 148 4.62 20.08 18.75
C GLN B 148 4.11 20.85 19.97
N GLY B 149 3.99 20.20 21.12
CA GLY B 149 3.62 20.90 22.37
C GLY B 149 2.56 20.23 23.23
N ASN B 150 1.92 19.18 22.71
CA ASN B 150 0.97 18.37 23.48
C ASN B 150 -0.13 19.20 24.16
N GLN B 151 -0.81 20.04 23.37
N GLN B 151 -0.82 20.03 23.38
CA GLN B 151 -1.91 20.87 23.88
CA GLN B 151 -1.91 20.88 23.88
C GLN B 151 -2.97 20.05 24.61
C GLN B 151 -2.98 20.05 24.60
N LEU B 152 -3.37 18.94 24.00
CA LEU B 152 -4.36 18.03 24.61
C LEU B 152 -3.85 17.26 25.82
N ASN B 153 -2.58 17.41 26.17
CA ASN B 153 -2.05 16.87 27.42
C ASN B 153 -2.08 15.33 27.46
N ILE B 154 -1.74 14.72 26.33
CA ILE B 154 -1.69 13.26 26.22
C ILE B 154 -0.57 12.69 27.10
N ASP B 155 -0.90 11.68 27.89
CA ASP B 155 0.09 10.94 28.64
C ASP B 155 0.79 9.98 27.67
N THR B 156 2.07 10.22 27.43
CA THR B 156 2.81 9.47 26.40
C THR B 156 2.72 7.97 26.61
N ARG B 157 2.59 7.53 27.86
CA ARG B 157 2.51 6.11 28.17
C ARG B 157 1.10 5.52 28.02
N ARG B 158 0.14 6.35 27.62
CA ARG B 158 -1.26 5.95 27.53
C ARG B 158 -1.81 6.13 26.12
N VAL B 159 -0.94 6.19 25.11
CA VAL B 159 -1.44 6.15 23.74
C VAL B 159 -1.68 4.68 23.44
N VAL B 160 -2.95 4.34 23.19
CA VAL B 160 -3.37 2.97 22.95
C VAL B 160 -3.45 2.66 21.47
N TRP B 161 -3.38 3.68 20.63
CA TRP B 161 -3.31 3.47 19.20
C TRP B 161 -1.98 2.84 18.80
N ARG B 162 -2.04 1.91 17.87
CA ARG B 162 -0.85 1.17 17.45
C ARG B 162 -0.65 1.29 15.95
N ARG B 163 0.58 1.07 15.52
CA ARG B 163 0.91 1.16 14.12
C ARG B 163 0.63 -0.17 13.41
N ALA B 164 0.82 -0.20 12.11
CA ALA B 164 0.48 -1.38 11.33
C ALA B 164 1.37 -1.55 10.10
N VAL B 165 1.55 -2.81 9.73
CA VAL B 165 2.07 -3.23 8.44
C VAL B 165 1.41 -4.56 8.11
N ASP B 166 1.24 -4.89 6.82
CA ASP B 166 0.65 -6.19 6.45
C ASP B 166 1.79 -7.18 6.08
N ILE B 167 2.64 -7.46 7.05
CA ILE B 167 3.76 -8.40 6.92
C ILE B 167 3.78 -9.18 8.22
N ASN B 168 4.14 -10.45 8.19
CA ASN B 168 4.23 -11.22 9.43
C ASN B 168 5.56 -10.93 10.08
N ASP B 169 5.61 -9.95 10.98
CA ASP B 169 6.87 -9.45 11.52
C ASP B 169 6.85 -9.35 13.04
N ARG B 170 7.34 -10.39 13.72
CA ARG B 170 7.33 -10.41 15.19
C ARG B 170 8.21 -9.32 15.78
N GLN B 171 9.20 -8.84 15.02
CA GLN B 171 10.15 -7.84 15.49
C GLN B 171 9.44 -6.51 15.84
N LEU B 172 8.27 -6.28 15.23
CA LEU B 172 7.57 -5.02 15.45
C LEU B 172 6.47 -5.14 16.51
N ARG B 173 6.36 -6.29 17.18
CA ARG B 173 5.31 -6.43 18.19
C ARG B 173 5.51 -5.50 19.36
N PHE B 174 6.76 -5.38 19.81
CA PHE B 174 7.13 -4.53 20.95
C PHE B 174 8.34 -3.67 20.59
N VAL B 175 8.13 -2.35 20.50
CA VAL B 175 9.19 -1.41 20.16
C VAL B 175 9.20 -0.15 21.04
N ILE B 176 10.28 0.60 20.94
CA ILE B 176 10.39 1.93 21.51
C ILE B 176 10.71 2.84 20.33
N ASP B 177 9.86 3.83 20.09
CA ASP B 177 10.10 4.82 19.04
C ASP B 177 10.12 6.24 19.62
N GLY B 178 10.44 7.24 18.81
CA GLY B 178 10.63 8.61 19.29
C GLY B 178 11.96 8.94 19.91
N LEU B 179 12.97 8.11 19.60
CA LEU B 179 14.32 8.26 20.12
C LEU B 179 15.14 9.18 19.22
N GLY B 180 16.38 9.45 19.64
CA GLY B 180 17.31 10.28 18.86
C GLY B 180 17.44 11.72 19.33
N GLY B 181 17.10 12.00 20.58
CA GLY B 181 17.17 13.35 21.14
C GLY B 181 15.92 14.17 20.87
N LYS B 182 15.96 15.43 21.27
CA LYS B 182 14.80 16.32 21.22
C LYS B 182 14.30 16.69 19.83
N ALA B 183 15.13 16.54 18.79
CA ALA B 183 14.73 16.87 17.43
C ALA B 183 14.02 15.73 16.69
N ASN B 184 13.82 14.58 17.33
CA ASN B 184 13.34 13.40 16.60
C ASN B 184 12.16 12.64 17.20
N GLY B 185 11.59 13.15 18.29
CA GLY B 185 10.38 12.55 18.85
C GLY B 185 10.37 12.62 20.34
N VAL B 186 9.45 11.92 20.97
CA VAL B 186 9.48 11.78 22.43
C VAL B 186 9.27 10.31 22.72
N PRO B 187 10.28 9.68 23.38
CA PRO B 187 10.27 8.25 23.59
C PRO B 187 8.96 7.73 24.14
N ARG B 188 8.44 6.67 23.52
CA ARG B 188 7.36 5.94 24.12
C ARG B 188 7.33 4.51 23.64
N GLU B 189 6.76 3.63 24.45
CA GLU B 189 6.53 2.25 24.06
C GLU B 189 5.37 2.21 23.07
N ASP B 190 5.49 1.29 22.11
CA ASP B 190 4.62 1.21 20.96
C ASP B 190 4.73 -0.19 20.35
N GLY B 191 4.00 -0.41 19.27
CA GLY B 191 4.08 -1.66 18.54
C GLY B 191 3.25 -1.66 17.29
N PHE B 192 3.50 -2.65 16.42
CA PHE B 192 2.72 -2.80 15.19
C PHE B 192 1.79 -4.00 15.27
N ASP B 193 0.59 -3.87 14.74
CA ASP B 193 -0.30 -5.03 14.53
C ASP B 193 -0.33 -5.31 13.05
N ILE B 194 -0.72 -6.52 12.68
CA ILE B 194 -0.93 -6.81 11.27
C ILE B 194 -2.11 -5.95 10.83
N THR B 195 -2.00 -5.33 9.68
CA THR B 195 -2.94 -4.31 9.29
C THR B 195 -4.40 -4.66 9.55
N VAL B 196 -4.79 -5.87 9.19
CA VAL B 196 -6.21 -6.24 9.31
C VAL B 196 -6.73 -6.35 10.75
N ALA B 197 -5.84 -6.27 11.74
CA ALA B 197 -6.23 -6.20 13.14
C ALA B 197 -6.54 -4.76 13.60
N SER B 198 -6.13 -3.76 12.82
CA SER B 198 -6.40 -2.35 13.13
C SER B 198 -7.88 -2.05 13.22
N GLU B 199 -8.22 -1.09 14.08
CA GLU B 199 -9.60 -0.65 14.21
C GLU B 199 -10.07 -0.02 12.91
N VAL B 200 -9.14 0.55 12.15
CA VAL B 200 -9.45 1.07 10.84
C VAL B 200 -10.08 -0.02 9.98
N MET B 201 -9.60 -1.26 10.08
CA MET B 201 -10.15 -2.34 9.28
C MET B 201 -11.57 -2.70 9.74
N ALA B 202 -11.77 -2.79 11.05
CA ALA B 202 -13.09 -3.07 11.60
C ALA B 202 -14.10 -1.97 11.21
N ILE B 203 -13.66 -0.71 11.22
CA ILE B 203 -14.50 0.44 10.88
C ILE B 203 -14.86 0.46 9.41
N PHE B 204 -13.84 0.28 8.58
CA PHE B 204 -13.96 0.05 7.14
C PHE B 204 -15.06 -0.96 6.82
N CYS B 205 -15.20 -1.97 7.66
CA CYS B 205 -16.16 -3.04 7.43
C CYS B 205 -17.55 -2.80 8.02
N LEU B 206 -17.69 -1.84 8.93
CA LEU B 206 -19.00 -1.55 9.54
C LEU B 206 -19.61 -0.24 9.06
N ALA B 207 -18.92 0.49 8.18
CA ALA B 207 -19.40 1.77 7.67
C ALA B 207 -20.50 1.57 6.64
N ASN B 208 -21.55 2.38 6.73
CA ASN B 208 -22.62 2.34 5.75
C ASN B 208 -22.20 3.00 4.46
N ASP B 209 -21.28 3.94 4.55
CA ASP B 209 -20.98 4.81 3.43
C ASP B 209 -19.83 5.68 3.83
N ILE B 210 -19.37 6.54 2.92
CA ILE B 210 -18.16 7.31 3.15
C ILE B 210 -18.32 8.31 4.30
N MET B 211 -19.54 8.82 4.51
CA MET B 211 -19.79 9.77 5.59
C MET B 211 -19.74 9.09 6.94
N ASP B 212 -20.36 7.92 7.03
CA ASP B 212 -20.39 7.17 8.29
C ASP B 212 -18.98 6.68 8.63
N LEU B 213 -18.20 6.28 7.61
CA LEU B 213 -16.78 5.98 7.80
C LEU B 213 -16.08 7.12 8.52
N LYS B 214 -16.23 8.33 7.99
CA LYS B 214 -15.54 9.50 8.51
C LYS B 214 -15.97 9.81 9.94
N GLU B 215 -17.26 9.67 10.23
CA GLU B 215 -17.78 9.93 11.56
C GLU B 215 -17.30 8.86 12.55
N ARG B 216 -17.16 7.64 12.06
CA ARG B 216 -16.68 6.55 12.89
C ARG B 216 -15.20 6.73 13.20
N LEU B 217 -14.40 7.00 12.17
CA LEU B 217 -12.98 7.26 12.34
C LEU B 217 -12.72 8.32 13.41
N ALA B 218 -13.51 9.40 13.37
CA ALA B 218 -13.40 10.51 14.33
C ALA B 218 -13.54 10.09 15.78
N LYS B 219 -14.35 9.07 16.04
CA LYS B 219 -14.57 8.57 17.39
C LYS B 219 -13.47 7.64 17.91
N ILE B 220 -12.48 7.30 17.09
CA ILE B 220 -11.37 6.44 17.56
C ILE B 220 -10.72 7.05 18.80
N VAL B 221 -10.55 6.26 19.84
CA VAL B 221 -9.75 6.68 20.98
C VAL B 221 -8.28 6.33 20.66
N VAL B 222 -7.41 7.34 20.62
CA VAL B 222 -6.01 7.13 20.33
C VAL B 222 -5.14 7.12 21.59
N ALA B 223 -5.58 7.85 22.60
CA ALA B 223 -4.85 7.96 23.86
C ALA B 223 -5.75 8.49 24.99
N TYR B 224 -5.21 8.54 26.20
CA TYR B 224 -5.83 9.23 27.34
C TYR B 224 -4.91 10.32 27.87
N ASP B 225 -5.49 11.47 28.25
CA ASP B 225 -4.70 12.55 28.84
C ASP B 225 -4.32 12.22 30.28
N ARG B 226 -3.62 13.16 30.91
CA ARG B 226 -3.01 12.91 32.22
C ARG B 226 -3.99 12.84 33.38
N GLU B 227 -5.26 13.19 33.16
CA GLU B 227 -6.28 12.95 34.19
C GLU B 227 -7.32 11.90 33.76
N GLY B 228 -7.00 11.10 32.75
CA GLY B 228 -7.76 9.89 32.43
C GLY B 228 -8.80 9.99 31.33
N LYS B 229 -8.90 11.14 30.68
CA LYS B 229 -9.99 11.36 29.71
C LYS B 229 -9.51 10.94 28.32
N PRO B 230 -10.38 10.30 27.52
CA PRO B 230 -9.97 9.86 26.19
C PRO B 230 -9.71 11.01 25.24
N VAL B 231 -8.71 10.82 24.37
CA VAL B 231 -8.42 11.73 23.26
C VAL B 231 -8.68 10.94 21.98
N THR B 232 -9.32 11.62 21.03
CA THR B 232 -9.81 10.99 19.82
C THR B 232 -9.09 11.49 18.59
N ALA B 233 -9.21 10.71 17.51
CA ALA B 233 -8.78 11.13 16.19
C ALA B 233 -9.47 12.43 15.77
N GLY B 234 -10.72 12.58 16.21
CA GLY B 234 -11.47 13.83 16.02
C GLY B 234 -10.76 14.99 16.68
N ASP B 235 -10.32 14.81 17.92
CA ASP B 235 -9.57 15.86 18.61
C ASP B 235 -8.37 16.28 17.78
N LEU B 236 -7.77 15.32 17.07
CA LEU B 236 -6.55 15.52 16.28
C LEU B 236 -6.82 15.96 14.86
N LYS B 237 -8.08 15.91 14.45
CA LYS B 237 -8.55 16.37 13.14
C LYS B 237 -8.00 15.49 12.02
N ALA B 238 -8.00 14.20 12.31
CA ALA B 238 -7.41 13.18 11.44
C ALA B 238 -8.46 12.54 10.52
N GLN B 239 -9.74 12.61 10.88
CA GLN B 239 -10.77 11.82 10.21
C GLN B 239 -10.98 12.15 8.73
N GLY B 240 -10.76 13.39 8.34
CA GLY B 240 -10.90 13.75 6.94
C GLY B 240 -9.81 13.10 6.11
N ALA B 241 -8.57 13.26 6.57
CA ALA B 241 -7.40 12.71 5.90
C ALA B 241 -7.44 11.18 5.78
N MET B 242 -7.85 10.53 6.86
CA MET B 242 -8.01 9.07 6.86
C MET B 242 -9.06 8.61 5.84
N ALA B 243 -10.21 9.30 5.83
CA ALA B 243 -11.28 8.97 4.89
C ALA B 243 -10.90 9.28 3.45
N ALA B 244 -10.21 10.40 3.23
CA ALA B 244 -9.69 10.72 1.92
C ALA B 244 -8.78 9.57 1.43
N LEU B 245 -7.95 9.04 2.32
CA LEU B 245 -7.08 7.90 2.02
C LEU B 245 -7.85 6.62 1.73
N LEU B 246 -9.06 6.52 2.29
CA LEU B 246 -9.90 5.34 2.10
C LEU B 246 -11.05 5.57 1.11
N LYS B 247 -10.98 6.63 0.31
CA LYS B 247 -12.10 7.01 -0.57
C LYS B 247 -12.35 5.94 -1.63
N ASP B 248 -11.33 5.60 -2.40
CA ASP B 248 -11.47 4.54 -3.40
C ASP B 248 -11.56 3.15 -2.77
N ALA B 249 -10.77 2.90 -1.73
CA ALA B 249 -10.74 1.57 -1.10
C ALA B 249 -12.13 1.06 -0.70
N LEU B 250 -12.97 1.98 -0.24
CA LEU B 250 -14.30 1.69 0.26
C LEU B 250 -15.29 1.28 -0.85
N LYS B 251 -14.92 1.46 -2.13
CA LYS B 251 -15.72 0.89 -3.22
C LYS B 251 -15.50 -0.61 -3.27
N PRO B 252 -16.58 -1.41 -3.16
CA PRO B 252 -16.41 -2.86 -3.13
C PRO B 252 -15.78 -3.45 -4.39
N ASN B 253 -15.02 -4.52 -4.22
CA ASN B 253 -14.30 -5.11 -5.34
C ASN B 253 -15.10 -6.20 -6.02
N LEU B 254 -15.43 -5.97 -7.29
CA LEU B 254 -16.16 -6.95 -8.09
C LEU B 254 -15.18 -7.91 -8.75
N VAL B 255 -15.34 -9.19 -8.47
CA VAL B 255 -14.60 -10.24 -9.17
C VAL B 255 -15.63 -11.34 -9.46
N GLN B 256 -15.19 -12.60 -9.55
CA GLN B 256 -16.07 -13.65 -10.05
C GLN B 256 -15.67 -15.05 -9.63
N THR B 257 -16.66 -15.95 -9.65
CA THR B 257 -16.43 -17.36 -9.39
C THR B 257 -15.92 -18.06 -10.66
N LEU B 258 -15.40 -19.27 -10.50
CA LEU B 258 -14.98 -20.08 -11.64
C LEU B 258 -16.07 -20.33 -12.65
N GLU B 259 -17.33 -20.22 -12.22
CA GLU B 259 -18.49 -20.35 -13.12
C GLU B 259 -19.09 -19.01 -13.49
N GLY B 260 -18.39 -17.93 -13.16
CA GLY B 260 -18.83 -16.59 -13.55
C GLY B 260 -19.99 -15.99 -12.76
N THR B 261 -20.22 -16.47 -11.53
CA THR B 261 -21.14 -15.80 -10.61
C THR B 261 -20.47 -14.53 -10.12
N PRO B 262 -21.18 -13.38 -10.19
CA PRO B 262 -20.59 -12.13 -9.67
C PRO B 262 -20.21 -12.28 -8.21
N ALA B 263 -19.12 -11.64 -7.80
CA ALA B 263 -18.58 -11.84 -6.46
C ALA B 263 -17.90 -10.59 -5.97
N PHE B 264 -18.19 -10.25 -4.72
CA PHE B 264 -17.50 -9.16 -4.05
C PHE B 264 -16.50 -9.72 -3.06
N VAL B 265 -15.31 -9.11 -3.07
CA VAL B 265 -14.31 -9.37 -2.07
C VAL B 265 -13.92 -8.05 -1.47
N HIS B 266 -14.20 -7.86 -0.18
CA HIS B 266 -14.10 -6.55 0.43
C HIS B 266 -14.10 -6.57 1.94
N GLY B 267 -13.02 -6.05 2.53
CA GLY B 267 -12.87 -6.03 3.98
C GLY B 267 -12.33 -7.36 4.46
N GLY B 268 -11.78 -7.36 5.66
CA GLY B 268 -11.18 -8.58 6.19
C GLY B 268 -10.64 -8.40 7.60
N PRO B 269 -11.53 -8.18 8.57
CA PRO B 269 -11.13 -7.97 9.95
C PRO B 269 -10.95 -9.28 10.65
N PHE B 270 -10.34 -9.22 11.83
CA PHE B 270 -10.20 -10.38 12.71
C PHE B 270 -11.57 -10.85 13.17
N ALA B 271 -11.70 -12.14 13.46
CA ALA B 271 -12.95 -12.72 13.92
C ALA B 271 -12.97 -12.96 15.45
N ASN B 272 -11.93 -12.50 16.13
CA ASN B 272 -11.87 -12.57 17.59
C ASN B 272 -11.94 -11.17 18.22
N ILE B 273 -10.96 -10.32 17.93
CA ILE B 273 -10.96 -8.97 18.47
C ILE B 273 -11.86 -8.07 17.64
N ALA B 274 -12.40 -8.62 16.56
CA ALA B 274 -13.48 -7.96 15.81
C ALA B 274 -14.45 -9.03 15.30
N HIS B 275 -15.32 -8.64 14.36
CA HIS B 275 -16.53 -9.40 14.04
C HIS B 275 -16.42 -10.37 12.84
N GLY B 276 -15.25 -10.47 12.23
CA GLY B 276 -14.97 -11.55 11.26
C GLY B 276 -15.85 -11.63 10.02
N CYS B 277 -16.37 -10.48 9.59
CA CYS B 277 -17.25 -10.41 8.43
C CYS B 277 -16.61 -9.59 7.32
N ASN B 278 -17.12 -9.74 6.10
CA ASN B 278 -16.74 -8.85 5.01
C ASN B 278 -17.51 -7.55 5.22
N SER B 279 -17.32 -6.57 4.34
CA SER B 279 -17.79 -5.23 4.61
C SER B 279 -19.31 -5.10 4.52
N VAL B 280 -19.86 -4.22 5.36
CA VAL B 280 -21.27 -3.88 5.32
C VAL B 280 -21.61 -3.25 3.99
N ILE B 281 -20.79 -2.31 3.54
CA ILE B 281 -21.05 -1.63 2.27
C ILE B 281 -21.15 -2.61 1.11
N ALA B 282 -20.33 -3.65 1.11
CA ALA B 282 -20.39 -4.69 0.06
C ALA B 282 -21.63 -5.56 0.20
N THR B 283 -21.93 -6.00 1.42
CA THR B 283 -23.13 -6.80 1.63
C THR B 283 -24.33 -6.02 1.13
N LYS B 284 -24.42 -4.74 1.51
CA LYS B 284 -25.54 -3.91 1.10
C LYS B 284 -25.59 -3.72 -0.40
N MET B 285 -24.42 -3.58 -1.04
CA MET B 285 -24.34 -3.41 -2.48
C MET B 285 -24.86 -4.64 -3.20
N ALA B 286 -24.44 -5.82 -2.72
CA ALA B 286 -24.88 -7.09 -3.28
C ALA B 286 -26.42 -7.26 -3.19
N MET B 287 -26.99 -6.87 -2.06
CA MET B 287 -28.43 -6.98 -1.84
C MET B 287 -29.22 -5.98 -2.73
N HIS B 288 -28.55 -4.92 -3.16
CA HIS B 288 -29.16 -3.91 -4.02
C HIS B 288 -29.10 -4.30 -5.51
N LEU B 289 -28.23 -5.25 -5.85
CA LEU B 289 -27.98 -5.64 -7.23
C LEU B 289 -28.38 -7.09 -7.56
N ALA B 290 -28.80 -7.84 -6.56
CA ALA B 290 -29.09 -9.27 -6.76
C ALA B 290 -30.33 -9.66 -5.97
N ASP B 291 -30.83 -10.86 -6.22
CA ASP B 291 -32.01 -11.40 -5.53
C ASP B 291 -31.62 -12.35 -4.38
N TYR B 292 -30.45 -12.98 -4.49
CA TYR B 292 -29.89 -13.78 -3.41
C TYR B 292 -28.43 -13.38 -3.17
N VAL B 293 -28.06 -13.15 -1.92
CA VAL B 293 -26.68 -12.88 -1.54
C VAL B 293 -26.21 -13.96 -0.57
N VAL B 294 -25.05 -14.55 -0.87
CA VAL B 294 -24.44 -15.53 0.02
C VAL B 294 -23.13 -14.95 0.55
N THR B 295 -22.95 -15.03 1.86
CA THR B 295 -21.77 -14.50 2.51
C THR B 295 -21.46 -15.34 3.74
N GLU B 296 -20.46 -14.94 4.51
CA GLU B 296 -20.00 -15.75 5.60
C GLU B 296 -19.34 -14.94 6.68
N ALA B 297 -19.09 -15.60 7.81
CA ALA B 297 -18.34 -15.04 8.92
C ALA B 297 -17.28 -16.02 9.42
N GLY B 298 -16.23 -15.51 10.07
CA GLY B 298 -15.06 -16.29 10.42
C GLY B 298 -15.27 -17.25 11.57
N PHE B 299 -14.44 -18.29 11.63
CA PHE B 299 -14.54 -19.30 12.69
C PHE B 299 -15.90 -20.02 12.69
N GLY B 300 -16.21 -20.72 13.78
CA GLY B 300 -17.48 -21.43 13.91
C GLY B 300 -18.61 -20.49 14.28
N ALA B 301 -19.79 -21.08 14.43
CA ALA B 301 -21.03 -20.35 14.67
C ALA B 301 -21.10 -19.70 16.06
N ASP B 302 -20.23 -20.12 16.98
CA ASP B 302 -20.18 -19.51 18.31
C ASP B 302 -19.56 -18.13 18.29
N LEU B 303 -18.66 -17.87 17.34
CA LEU B 303 -18.00 -16.57 17.20
C LEU B 303 -18.54 -15.79 16.01
N GLY B 304 -18.30 -16.32 14.81
CA GLY B 304 -18.61 -15.64 13.56
C GLY B 304 -20.05 -15.21 13.39
N ALA B 305 -20.97 -16.18 13.43
CA ALA B 305 -22.41 -15.92 13.27
C ALA B 305 -22.97 -15.05 14.40
N GLU B 306 -22.55 -15.33 15.63
CA GLU B 306 -22.92 -14.53 16.78
C GLU B 306 -22.59 -13.06 16.54
N LYS B 307 -21.37 -12.81 16.05
CA LYS B 307 -20.95 -11.44 15.77
C LYS B 307 -21.54 -10.90 14.46
N PHE B 308 -21.85 -11.76 13.51
CA PHE B 308 -22.53 -11.35 12.28
C PHE B 308 -23.91 -10.77 12.63
N ILE B 309 -24.57 -11.38 13.61
CA ILE B 309 -25.93 -11.01 14.00
C ILE B 309 -25.92 -9.90 15.06
N ASP B 310 -25.24 -10.14 16.18
CA ASP B 310 -25.26 -9.19 17.29
C ASP B 310 -24.39 -7.94 17.10
N ILE B 311 -23.58 -7.87 16.05
CA ILE B 311 -22.76 -6.69 15.75
C ILE B 311 -23.06 -6.13 14.37
N LYS B 312 -22.74 -6.89 13.32
CA LYS B 312 -22.91 -6.39 11.95
C LYS B 312 -24.37 -6.07 11.60
N CYS B 313 -25.25 -7.07 11.75
CA CYS B 313 -26.67 -6.91 11.40
C CYS B 313 -27.34 -5.84 12.24
N ARG B 314 -27.04 -5.86 13.53
CA ARG B 314 -27.59 -4.92 14.50
C ARG B 314 -27.31 -3.46 14.15
N LEU B 315 -26.03 -3.15 13.95
CA LEU B 315 -25.57 -1.80 13.65
C LEU B 315 -25.87 -1.38 12.21
N ALA B 316 -25.94 -2.34 11.29
CA ALA B 316 -26.21 -2.04 9.89
C ALA B 316 -27.69 -2.13 9.53
N GLY B 317 -28.48 -2.76 10.39
CA GLY B 317 -29.91 -2.97 10.15
C GLY B 317 -30.20 -4.02 9.09
N LEU B 318 -29.62 -5.20 9.25
CA LEU B 318 -29.80 -6.31 8.32
C LEU B 318 -30.35 -7.53 9.06
N LYS B 319 -30.86 -8.47 8.29
CA LYS B 319 -31.42 -9.72 8.82
C LYS B 319 -31.08 -10.84 7.85
N PRO B 320 -30.37 -11.87 8.30
CA PRO B 320 -30.21 -13.02 7.44
C PRO B 320 -31.56 -13.73 7.26
N ASP B 321 -31.85 -14.17 6.03
CA ASP B 321 -33.07 -14.91 5.74
C ASP B 321 -32.90 -16.43 5.92
N ALA B 322 -31.66 -16.89 5.98
CA ALA B 322 -31.36 -18.30 6.25
C ALA B 322 -29.88 -18.50 6.56
N VAL B 323 -29.55 -19.53 7.33
CA VAL B 323 -28.18 -19.79 7.73
C VAL B 323 -27.74 -21.15 7.23
N ILE B 324 -26.54 -21.22 6.66
CA ILE B 324 -25.93 -22.50 6.36
C ILE B 324 -24.96 -22.80 7.48
N ILE B 325 -25.08 -24.00 8.05
CA ILE B 325 -24.11 -24.49 9.01
C ILE B 325 -23.31 -25.60 8.34
N VAL B 326 -22.05 -25.29 8.06
CA VAL B 326 -21.18 -26.22 7.39
C VAL B 326 -20.58 -27.21 8.38
N ALA B 327 -20.49 -28.46 7.98
CA ALA B 327 -19.90 -29.50 8.80
C ALA B 327 -19.30 -30.59 7.93
N THR B 328 -18.35 -31.33 8.51
CA THR B 328 -17.80 -32.52 7.88
C THR B 328 -17.78 -33.70 8.85
N VAL B 329 -17.93 -34.91 8.30
CA VAL B 329 -17.85 -36.14 9.08
C VAL B 329 -16.52 -36.25 9.82
N ARG B 330 -15.42 -35.86 9.19
CA ARG B 330 -14.10 -35.84 9.84
C ARG B 330 -14.05 -34.93 11.06
N ALA B 331 -14.47 -33.68 10.89
CA ALA B 331 -14.40 -32.68 11.96
C ALA B 331 -15.25 -33.07 13.17
N LEU B 332 -16.40 -33.69 12.92
CA LEU B 332 -17.25 -34.18 13.99
C LEU B 332 -16.56 -35.33 14.73
N LYS B 333 -15.98 -36.27 13.98
CA LYS B 333 -15.28 -37.40 14.59
C LYS B 333 -14.04 -36.96 15.36
N TYR B 334 -13.40 -35.88 14.90
CA TYR B 334 -12.29 -35.27 15.64
C TYR B 334 -12.79 -34.65 16.94
N ASN B 335 -13.98 -34.05 16.88
CA ASN B 335 -14.60 -33.42 18.06
C ASN B 335 -15.02 -34.48 19.07
N GLY B 336 -15.34 -35.68 18.58
CA GLY B 336 -15.63 -36.84 19.42
C GLY B 336 -14.39 -37.61 19.86
N GLY B 337 -13.20 -37.05 19.63
CA GLY B 337 -11.95 -37.57 20.19
C GLY B 337 -11.38 -38.80 19.49
N LEU B 338 -11.19 -38.72 18.17
CA LEU B 338 -10.65 -39.84 17.40
C LEU B 338 -9.16 -39.65 17.04
N ALA B 339 -8.71 -38.40 16.95
CA ALA B 339 -7.30 -38.07 16.67
C ALA B 339 -6.91 -38.35 15.21
N LYS B 340 -6.22 -37.38 14.62
CA LYS B 340 -5.87 -37.42 13.21
C LYS B 340 -5.31 -38.77 12.75
N ALA B 341 -5.19 -38.93 11.43
CA ALA B 341 -4.60 -40.13 10.85
C ALA B 341 -5.45 -41.35 11.10
N ASP B 342 -6.32 -41.27 12.10
CA ASP B 342 -7.23 -42.36 12.41
C ASP B 342 -8.66 -42.01 11.96
N LEU B 343 -8.77 -40.96 11.14
CA LEU B 343 -10.06 -40.36 10.75
C LEU B 343 -10.58 -40.80 9.37
N GLU B 344 -9.76 -41.53 8.60
CA GLU B 344 -10.18 -42.06 7.30
C GLU B 344 -11.07 -43.30 7.43
N LYS B 345 -11.02 -43.97 8.59
CA LYS B 345 -11.84 -45.14 8.87
C LYS B 345 -13.21 -44.73 9.40
N GLU B 346 -14.24 -45.52 9.09
CA GLU B 346 -15.58 -45.32 9.63
C GLU B 346 -15.54 -45.48 11.14
N ASP B 347 -16.24 -44.58 11.86
CA ASP B 347 -16.39 -44.71 13.31
C ASP B 347 -17.68 -44.03 13.77
N LEU B 348 -18.73 -44.83 13.90
CA LEU B 348 -20.05 -44.35 14.30
C LEU B 348 -20.14 -43.95 15.77
N ASN B 349 -19.30 -44.53 16.62
CA ASN B 349 -19.23 -44.14 18.02
C ASN B 349 -18.58 -42.77 18.14
N ALA B 350 -17.47 -42.58 17.43
CA ALA B 350 -16.76 -41.31 17.43
C ALA B 350 -17.63 -40.20 16.84
N LEU B 351 -18.37 -40.53 15.79
CA LEU B 351 -19.25 -39.57 15.15
C LEU B 351 -20.40 -39.20 16.09
N ALA B 352 -20.93 -40.20 16.79
CA ALA B 352 -22.04 -39.99 17.73
C ALA B 352 -21.66 -39.03 18.84
N LYS B 353 -20.40 -39.06 19.25
CA LYS B 353 -19.88 -38.18 20.31
C LYS B 353 -19.53 -36.77 19.80
N GLY B 354 -19.40 -36.62 18.47
CA GLY B 354 -19.09 -35.33 17.87
C GLY B 354 -20.32 -34.52 17.50
N ILE B 355 -21.44 -35.20 17.25
CA ILE B 355 -22.65 -34.55 16.77
C ILE B 355 -23.21 -33.49 17.74
N PRO B 356 -23.12 -33.72 19.06
CA PRO B 356 -23.60 -32.69 19.97
C PRO B 356 -23.08 -31.28 19.68
N ASN B 357 -21.82 -31.17 19.26
CA ASN B 357 -21.26 -29.87 18.83
C ASN B 357 -22.08 -29.23 17.71
N LEU B 358 -22.32 -30.00 16.65
CA LEU B 358 -23.18 -29.54 15.57
C LEU B 358 -24.54 -29.13 16.13
N LEU B 359 -25.14 -30.01 16.93
CA LEU B 359 -26.45 -29.76 17.52
C LEU B 359 -26.47 -28.49 18.36
N LYS B 360 -25.44 -28.28 19.17
CA LYS B 360 -25.33 -27.02 19.90
C LYS B 360 -25.38 -25.81 18.94
N HIS B 361 -24.61 -25.85 17.85
CA HIS B 361 -24.59 -24.74 16.88
C HIS B 361 -25.94 -24.59 16.16
N VAL B 362 -26.57 -25.72 15.83
CA VAL B 362 -27.91 -25.70 15.23
C VAL B 362 -28.92 -25.10 16.22
N GLU B 363 -28.84 -25.54 17.47
CA GLU B 363 -29.70 -24.98 18.52
C GLU B 363 -29.56 -23.46 18.66
N ASN B 364 -28.33 -22.95 18.63
CA ASN B 364 -28.09 -21.50 18.73
C ASN B 364 -28.72 -20.72 17.58
N ILE B 365 -28.61 -21.27 16.37
CA ILE B 365 -29.16 -20.62 15.19
C ILE B 365 -30.68 -20.72 15.18
N THR B 366 -31.21 -21.91 15.44
CA THR B 366 -32.66 -22.15 15.35
C THR B 366 -33.47 -21.71 16.57
N GLN B 367 -32.88 -21.74 17.76
CA GLN B 367 -33.63 -21.44 18.99
C GLN B 367 -33.28 -20.09 19.60
N VAL B 368 -31.99 -19.75 19.70
CA VAL B 368 -31.58 -18.47 20.28
C VAL B 368 -31.76 -17.31 19.28
N PHE B 369 -31.12 -17.42 18.11
CA PHE B 369 -31.24 -16.40 17.05
C PHE B 369 -32.52 -16.58 16.25
N LYS B 370 -33.10 -17.78 16.33
CA LYS B 370 -34.41 -18.07 15.76
C LYS B 370 -34.45 -17.86 14.24
N LEU B 371 -33.52 -18.47 13.52
CA LEU B 371 -33.43 -18.29 12.08
C LEU B 371 -33.62 -19.61 11.36
N PRO B 372 -34.13 -19.57 10.11
CA PRO B 372 -34.15 -20.79 9.30
C PRO B 372 -32.74 -21.30 9.06
N ALA B 373 -32.56 -22.60 9.04
CA ALA B 373 -31.23 -23.19 8.92
C ALA B 373 -31.22 -24.48 8.13
N VAL B 374 -30.11 -24.70 7.43
CA VAL B 374 -29.82 -25.97 6.77
C VAL B 374 -28.41 -26.38 7.15
N VAL B 375 -28.17 -27.68 7.24
CA VAL B 375 -26.83 -28.18 7.51
C VAL B 375 -26.21 -28.69 6.21
N ALA B 376 -25.01 -28.20 5.92
CA ALA B 376 -24.23 -28.62 4.77
C ALA B 376 -23.13 -29.57 5.20
N ILE B 377 -23.26 -30.83 4.81
CA ILE B 377 -22.13 -31.73 4.94
C ILE B 377 -21.32 -31.68 3.65
N ASN B 378 -20.07 -31.24 3.76
CA ASN B 378 -19.13 -31.35 2.66
C ASN B 378 -18.70 -32.81 2.56
N ARG B 379 -19.32 -33.53 1.63
CA ARG B 379 -19.08 -34.95 1.49
C ARG B 379 -17.66 -35.23 1.01
N PHE B 380 -16.91 -35.96 1.81
CA PHE B 380 -15.63 -36.53 1.37
C PHE B 380 -15.88 -37.95 0.86
N PRO B 381 -14.92 -38.52 0.09
CA PRO B 381 -15.09 -39.89 -0.43
C PRO B 381 -15.33 -40.97 0.63
N GLN B 382 -14.57 -40.92 1.72
CA GLN B 382 -14.65 -41.95 2.77
C GLN B 382 -15.88 -41.83 3.68
N ASP B 383 -16.68 -40.79 3.49
CA ASP B 383 -17.92 -40.63 4.25
C ASP B 383 -18.90 -41.73 3.87
N THR B 384 -19.11 -42.67 4.79
CA THR B 384 -19.97 -43.82 4.53
C THR B 384 -21.42 -43.40 4.46
N GLU B 385 -22.26 -44.34 4.01
CA GLU B 385 -23.69 -44.07 3.91
C GLU B 385 -24.30 -43.96 5.31
N ALA B 386 -23.83 -44.77 6.24
CA ALA B 386 -24.34 -44.78 7.62
C ALA B 386 -23.96 -43.50 8.38
N GLU B 387 -22.69 -43.12 8.30
CA GLU B 387 -22.21 -41.88 8.94
C GLU B 387 -23.03 -40.66 8.52
N LEU B 388 -23.33 -40.52 7.24
CA LEU B 388 -24.12 -39.41 6.73
C LEU B 388 -25.57 -39.48 7.22
N LYS B 389 -26.15 -40.68 7.16
CA LYS B 389 -27.48 -40.96 7.67
C LYS B 389 -27.60 -40.55 9.14
N LEU B 390 -26.58 -40.88 9.93
CA LEU B 390 -26.51 -40.53 11.35
C LEU B 390 -26.58 -39.01 11.56
N VAL B 391 -25.84 -38.25 10.76
CA VAL B 391 -25.84 -36.80 10.88
C VAL B 391 -27.21 -36.26 10.49
N GLU B 392 -27.82 -36.86 9.47
CA GLU B 392 -29.13 -36.43 9.00
C GLU B 392 -30.25 -36.71 10.02
N ASP B 393 -30.17 -37.85 10.70
CA ASP B 393 -31.17 -38.24 11.69
C ASP B 393 -31.12 -37.29 12.90
N ARG B 394 -29.95 -37.17 13.51
CA ARG B 394 -29.78 -36.27 14.65
C ARG B 394 -30.19 -34.84 14.33
N CYS B 395 -29.89 -34.37 13.12
CA CYS B 395 -30.27 -33.02 12.69
C CYS B 395 -31.78 -32.93 12.50
N ASN B 396 -32.35 -33.88 11.78
CA ASN B 396 -33.81 -33.93 11.54
C ASN B 396 -34.66 -33.93 12.82
N GLU B 397 -34.12 -34.47 13.90
CA GLU B 397 -34.80 -34.49 15.21
C GLU B 397 -34.91 -33.10 15.84
N LEU B 398 -34.05 -32.18 15.42
CA LEU B 398 -34.20 -30.75 15.76
C LEU B 398 -35.05 -30.01 14.73
N GLY B 399 -35.46 -30.73 13.68
CA GLY B 399 -36.28 -30.17 12.60
C GLY B 399 -35.50 -29.44 11.53
N VAL B 400 -34.23 -29.80 11.37
CA VAL B 400 -33.37 -29.13 10.39
C VAL B 400 -32.92 -30.12 9.34
N ASN B 401 -32.95 -29.68 8.08
CA ASN B 401 -32.54 -30.52 6.98
C ASN B 401 -31.03 -30.56 6.80
N VAL B 402 -30.57 -31.63 6.16
CA VAL B 402 -29.17 -31.77 5.79
C VAL B 402 -29.10 -31.84 4.27
N ALA B 403 -28.25 -31.00 3.69
CA ALA B 403 -27.95 -31.09 2.26
C ALA B 403 -26.54 -31.65 2.09
N LEU B 404 -26.38 -32.58 1.16
CA LEU B 404 -25.04 -33.04 0.82
C LEU B 404 -24.42 -32.04 -0.14
N SER B 405 -23.25 -31.52 0.21
CA SER B 405 -22.52 -30.57 -0.65
C SER B 405 -21.31 -31.25 -1.25
N GLU B 406 -21.21 -31.26 -2.57
CA GLU B 406 -20.06 -31.80 -3.28
C GLU B 406 -19.44 -30.75 -4.20
N VAL B 407 -19.58 -29.48 -3.81
CA VAL B 407 -19.17 -28.36 -4.66
C VAL B 407 -17.65 -28.28 -4.85
N TRP B 408 -16.91 -28.80 -3.88
CA TRP B 408 -15.46 -28.91 -4.05
C TRP B 408 -15.12 -29.66 -5.33
N ALA B 409 -15.79 -30.80 -5.55
CA ALA B 409 -15.50 -31.68 -6.67
C ALA B 409 -16.30 -31.38 -7.94
N LYS B 410 -17.50 -30.83 -7.79
CA LYS B 410 -18.43 -30.66 -8.92
C LYS B 410 -18.89 -29.22 -9.19
N GLY B 411 -18.41 -28.27 -8.41
CA GLY B 411 -18.83 -26.89 -8.58
C GLY B 411 -20.30 -26.72 -8.23
N GLY B 412 -20.97 -25.83 -8.94
CA GLY B 412 -22.37 -25.49 -8.62
C GLY B 412 -23.31 -26.67 -8.67
N GLU B 413 -23.02 -27.62 -9.55
CA GLU B 413 -23.81 -28.84 -9.68
C GLU B 413 -23.80 -29.66 -8.39
N GLY B 414 -22.69 -29.60 -7.65
CA GLY B 414 -22.57 -30.31 -6.37
C GLY B 414 -23.29 -29.69 -5.18
N GLY B 415 -24.01 -28.59 -5.41
CA GLY B 415 -24.72 -27.87 -4.35
C GLY B 415 -26.13 -27.43 -4.72
N ILE B 416 -26.77 -28.16 -5.63
CA ILE B 416 -28.15 -27.89 -6.01
C ILE B 416 -29.09 -28.25 -4.85
N ALA B 417 -28.85 -29.38 -4.20
CA ALA B 417 -29.72 -29.80 -3.08
C ALA B 417 -29.72 -28.75 -1.96
N LEU B 418 -28.53 -28.22 -1.65
CA LEU B 418 -28.41 -27.12 -0.71
C LEU B 418 -29.13 -25.88 -1.22
N ALA B 419 -28.94 -25.56 -2.48
CA ALA B 419 -29.52 -24.36 -3.06
C ALA B 419 -31.06 -24.43 -3.03
N GLU B 420 -31.60 -25.57 -3.44
CA GLU B 420 -33.04 -25.82 -3.37
C GLU B 420 -33.57 -25.69 -1.93
N GLU B 421 -32.86 -26.25 -0.97
CA GLU B 421 -33.28 -26.11 0.42
C GLU B 421 -33.31 -24.64 0.85
N LEU B 422 -32.32 -23.87 0.41
CA LEU B 422 -32.24 -22.45 0.75
C LEU B 422 -33.38 -21.67 0.15
N ILE B 423 -33.76 -22.02 -1.08
CA ILE B 423 -34.92 -21.40 -1.74
C ILE B 423 -36.21 -21.73 -0.97
N ARG B 424 -36.33 -23.00 -0.57
CA ARG B 424 -37.47 -23.43 0.24
C ARG B 424 -37.51 -22.64 1.53
N LEU B 425 -36.40 -22.63 2.26
CA LEU B 425 -36.32 -21.96 3.57
C LEU B 425 -36.67 -20.46 3.53
N THR B 426 -36.35 -19.78 2.43
CA THR B 426 -36.55 -18.34 2.32
C THR B 426 -37.83 -17.97 1.57
N GLU B 427 -38.64 -18.97 1.21
CA GLU B 427 -39.83 -18.76 0.37
C GLU B 427 -40.70 -17.61 0.88
N ASP B 428 -41.16 -16.78 -0.05
CA ASP B 428 -41.89 -15.57 0.31
C ASP B 428 -42.63 -15.73 1.64
N ASN B 429 -41.89 -15.57 2.72
CA ASN B 429 -42.46 -15.62 4.06
C ASN B 429 -41.66 -14.75 5.00
N LYS B 430 -40.96 -13.76 4.44
CA LYS B 430 -40.18 -12.82 5.23
C LYS B 430 -40.87 -12.60 6.57
N ALA B 431 -42.13 -12.19 6.53
CA ALA B 431 -42.89 -11.95 7.75
C ALA B 431 -41.98 -11.40 8.83
N SER B 432 -42.24 -11.79 10.08
CA SER B 432 -41.41 -11.38 11.20
C SER B 432 -41.29 -9.87 11.33
N ASN B 433 -42.43 -9.19 11.39
CA ASN B 433 -42.43 -7.78 11.70
C ASN B 433 -41.75 -7.62 13.05
N LYS B 434 -41.59 -8.75 13.74
CA LYS B 434 -40.91 -8.80 15.03
C LYS B 434 -39.64 -7.96 14.99
N GLY B 435 -38.84 -8.17 13.96
CA GLY B 435 -37.49 -7.65 13.90
C GLY B 435 -36.55 -8.84 13.93
N LEU B 436 -35.46 -8.74 14.69
CA LEU B 436 -34.46 -9.80 14.78
C LEU B 436 -34.13 -10.14 16.24
N ALA B 437 -33.97 -11.42 16.53
CA ALA B 437 -33.67 -11.84 17.91
C ALA B 437 -32.17 -11.77 18.16
N TYR B 438 -31.75 -10.90 19.06
CA TYR B 438 -30.36 -10.81 19.48
C TYR B 438 -30.14 -11.55 20.80
N VAL B 439 -28.89 -11.92 21.07
CA VAL B 439 -28.55 -12.63 22.30
C VAL B 439 -28.75 -11.76 23.54
N TYR B 440 -28.33 -10.49 23.44
CA TYR B 440 -28.44 -9.53 24.53
C TYR B 440 -29.01 -8.22 23.98
N GLU B 441 -29.49 -7.33 24.85
CA GLU B 441 -29.91 -5.98 24.46
C GLU B 441 -28.83 -4.97 24.85
N LEU B 442 -28.81 -3.83 24.15
CA LEU B 442 -27.72 -2.85 24.28
C LEU B 442 -27.63 -2.16 25.63
N ASP B 443 -28.79 -1.91 26.26
CA ASP B 443 -28.87 -1.12 27.50
C ASP B 443 -28.38 -1.86 28.76
N MET B 444 -28.09 -3.15 28.62
CA MET B 444 -27.56 -3.96 29.72
C MET B 444 -26.11 -3.57 30.05
N PRO B 445 -25.70 -3.74 31.31
CA PRO B 445 -24.26 -3.58 31.63
C PRO B 445 -23.35 -4.60 30.91
N ILE B 446 -22.10 -4.18 30.67
CA ILE B 446 -21.13 -4.95 29.91
C ILE B 446 -20.99 -6.41 30.35
N GLU B 447 -20.89 -6.62 31.66
CA GLU B 447 -20.71 -7.99 32.19
C GLU B 447 -21.93 -8.90 31.95
N GLU B 448 -23.13 -8.33 31.83
CA GLU B 448 -24.33 -9.13 31.60
C GLU B 448 -24.50 -9.52 30.13
N LYS B 449 -23.89 -8.74 29.23
CA LYS B 449 -23.81 -9.12 27.82
C LYS B 449 -22.82 -10.27 27.63
N ILE B 450 -21.63 -10.11 28.21
CA ILE B 450 -20.61 -11.14 28.16
C ILE B 450 -21.17 -12.44 28.73
N ARG B 451 -21.88 -12.31 29.85
CA ARG B 451 -22.55 -13.43 30.50
C ARG B 451 -23.65 -14.00 29.60
N ALA B 452 -24.47 -13.12 29.02
CA ALA B 452 -25.55 -13.57 28.12
C ALA B 452 -25.01 -14.40 26.94
N ILE B 453 -23.93 -13.93 26.33
CA ILE B 453 -23.27 -14.65 25.23
C ILE B 453 -22.66 -15.95 25.73
N SER B 454 -21.88 -15.87 26.81
CA SER B 454 -21.19 -17.05 27.35
C SER B 454 -22.14 -18.20 27.74
N GLN B 455 -23.32 -17.87 28.24
CA GLN B 455 -24.26 -18.87 28.72
C GLN B 455 -25.13 -19.40 27.57
N LYS B 456 -25.77 -18.49 26.85
CA LYS B 456 -26.69 -18.86 25.77
C LYS B 456 -25.99 -19.49 24.56
N ILE B 457 -24.88 -18.89 24.14
CA ILE B 457 -24.20 -19.33 22.91
C ILE B 457 -23.14 -20.40 23.17
N TYR B 458 -22.24 -20.16 24.12
CA TYR B 458 -21.16 -21.11 24.39
C TYR B 458 -21.60 -22.27 25.30
N GLY B 459 -22.62 -22.03 26.12
CA GLY B 459 -23.11 -23.03 27.06
C GLY B 459 -22.32 -23.04 28.34
N ALA B 460 -21.75 -21.89 28.70
CA ALA B 460 -21.03 -21.75 29.95
C ALA B 460 -22.00 -21.69 31.12
N ASP B 461 -21.55 -22.17 32.28
CA ASP B 461 -22.28 -21.98 33.53
C ASP B 461 -22.29 -20.48 33.85
N ASP B 462 -21.11 -19.86 33.76
CA ASP B 462 -20.97 -18.41 34.02
C ASP B 462 -19.66 -17.86 33.44
N VAL B 463 -19.48 -16.53 33.58
CA VAL B 463 -18.23 -15.86 33.23
C VAL B 463 -17.60 -15.22 34.49
N MET B 464 -16.35 -15.58 34.78
CA MET B 464 -15.55 -14.94 35.81
C MET B 464 -14.80 -13.74 35.23
N PHE B 465 -14.51 -12.74 36.06
CA PHE B 465 -13.76 -11.56 35.65
C PHE B 465 -12.59 -11.33 36.59
N THR B 466 -11.43 -10.92 36.04
CA THR B 466 -10.31 -10.53 36.88
C THR B 466 -10.62 -9.16 37.47
N ASP B 467 -9.82 -8.75 38.44
CA ASP B 467 -10.00 -7.44 39.06
C ASP B 467 -9.64 -6.34 38.05
N LYS B 468 -8.63 -6.61 37.23
CA LYS B 468 -8.24 -5.71 36.14
C LYS B 468 -9.38 -5.53 35.15
N ALA B 469 -9.98 -6.64 34.74
CA ALA B 469 -11.11 -6.64 33.82
C ALA B 469 -12.27 -5.84 34.41
N LEU B 470 -12.64 -6.16 35.65
CA LEU B 470 -13.73 -5.47 36.35
C LEU B 470 -13.52 -3.95 36.44
N LYS B 471 -12.31 -3.53 36.77
CA LYS B 471 -11.98 -2.10 36.84
C LYS B 471 -12.09 -1.42 35.46
N GLU B 472 -11.61 -2.11 34.43
CA GLU B 472 -11.69 -1.59 33.04
C GLU B 472 -13.13 -1.43 32.59
N ILE B 473 -13.97 -2.40 32.94
CA ILE B 473 -15.40 -2.34 32.62
C ILE B 473 -16.03 -1.11 33.28
N ALA B 474 -15.78 -0.95 34.58
CA ALA B 474 -16.30 0.19 35.35
C ALA B 474 -15.96 1.53 34.69
N ASN B 475 -14.70 1.72 34.33
CA ASN B 475 -14.25 2.95 33.69
C ASN B 475 -14.83 3.15 32.28
N LEU B 476 -15.18 2.06 31.60
CA LEU B 476 -15.84 2.16 30.29
C LEU B 476 -17.32 2.50 30.43
N GLU B 477 -17.98 1.97 31.46
CA GLU B 477 -19.35 2.34 31.78
C GLU B 477 -19.42 3.85 32.00
N LYS B 478 -18.49 4.36 32.82
CA LYS B 478 -18.43 5.79 33.13
C LYS B 478 -18.30 6.64 31.87
N LEU B 479 -17.31 6.33 31.06
CA LEU B 479 -17.00 7.11 29.86
C LEU B 479 -18.04 7.00 28.74
N GLY B 480 -19.17 6.33 29.00
CA GLY B 480 -20.30 6.28 28.06
C GLY B 480 -20.27 5.14 27.06
N PHE B 481 -19.39 4.16 27.29
CA PHE B 481 -19.21 3.04 26.36
C PHE B 481 -19.98 1.80 26.80
N GLY B 482 -20.88 1.96 27.77
CA GLY B 482 -21.61 0.82 28.35
C GLY B 482 -22.87 0.41 27.61
N LYS B 483 -23.13 1.01 26.45
CA LYS B 483 -24.36 0.72 25.69
C LYS B 483 -24.06 0.38 24.22
N MET B 484 -23.15 -0.57 24.00
CA MET B 484 -22.80 -1.02 22.65
C MET B 484 -22.49 -2.51 22.64
N PRO B 485 -22.44 -3.12 21.44
CA PRO B 485 -22.14 -4.54 21.38
C PRO B 485 -20.81 -4.90 22.00
N VAL B 486 -20.68 -6.17 22.38
CA VAL B 486 -19.46 -6.67 23.00
C VAL B 486 -18.90 -7.79 22.13
N CYS B 487 -17.64 -7.65 21.75
CA CYS B 487 -16.93 -8.62 20.92
C CYS B 487 -16.06 -9.45 21.84
N ILE B 488 -16.29 -10.75 21.90
CA ILE B 488 -15.54 -11.63 22.79
C ILE B 488 -14.41 -12.34 22.03
N ALA B 489 -13.18 -12.12 22.48
CA ALA B 489 -12.00 -12.65 21.84
C ALA B 489 -11.54 -13.88 22.59
N LYS B 490 -11.83 -15.06 22.03
CA LYS B 490 -11.39 -16.33 22.60
C LYS B 490 -11.01 -17.28 21.48
N THR B 491 -10.44 -18.43 21.84
CA THR B 491 -10.06 -19.44 20.86
C THR B 491 -11.28 -19.91 20.05
N GLN B 492 -11.02 -20.24 18.79
CA GLN B 492 -12.06 -20.70 17.86
C GLN B 492 -12.22 -22.21 17.92
N TYR B 493 -11.27 -22.91 18.53
CA TYR B 493 -11.20 -24.36 18.45
C TYR B 493 -12.02 -25.08 19.52
N SER B 494 -12.77 -24.31 20.31
CA SER B 494 -13.60 -24.84 21.38
C SER B 494 -14.70 -23.84 21.72
N LEU B 495 -15.81 -24.35 22.25
CA LEU B 495 -16.90 -23.49 22.75
C LEU B 495 -16.52 -22.80 24.06
N THR B 496 -15.65 -23.45 24.83
CA THR B 496 -15.05 -22.82 26.02
C THR B 496 -13.89 -21.92 25.56
N ASP B 497 -13.19 -21.32 26.51
CA ASP B 497 -12.00 -20.55 26.18
C ASP B 497 -10.71 -21.40 26.30
N ASP B 498 -10.85 -22.66 26.70
CA ASP B 498 -9.75 -23.63 26.69
C ASP B 498 -9.79 -24.44 25.38
N PRO B 499 -8.82 -24.22 24.48
CA PRO B 499 -8.88 -24.86 23.15
C PRO B 499 -8.87 -26.39 23.13
N LYS B 500 -8.44 -27.03 24.22
CA LYS B 500 -8.39 -28.51 24.26
C LYS B 500 -9.75 -29.14 24.58
N LYS B 501 -10.69 -28.35 25.08
CA LYS B 501 -12.03 -28.86 25.39
C LYS B 501 -12.90 -29.00 24.14
N LEU B 502 -12.89 -30.21 23.57
CA LEU B 502 -13.65 -30.50 22.37
C LEU B 502 -15.06 -30.94 22.74
N GLY B 503 -15.81 -31.45 21.76
CA GLY B 503 -17.17 -31.89 21.98
C GLY B 503 -18.07 -30.72 22.32
N ARG B 504 -19.02 -30.99 23.22
CA ARG B 504 -19.98 -30.01 23.71
C ARG B 504 -19.77 -29.88 25.22
N PRO B 505 -18.82 -29.02 25.64
CA PRO B 505 -18.43 -28.95 27.04
C PRO B 505 -19.51 -28.42 27.96
N SER B 506 -19.54 -28.93 29.20
CA SER B 506 -20.45 -28.43 30.24
C SER B 506 -19.75 -28.40 31.59
N GLY B 507 -20.28 -27.58 32.50
CA GLY B 507 -19.65 -27.36 33.80
C GLY B 507 -18.32 -26.62 33.66
N PHE B 508 -18.34 -25.53 32.90
CA PHE B 508 -17.16 -24.69 32.64
C PHE B 508 -17.55 -23.20 32.70
N ASN B 509 -16.55 -22.34 32.91
CA ASN B 509 -16.72 -20.89 32.83
C ASN B 509 -15.74 -20.28 31.83
N ILE B 510 -16.09 -19.08 31.36
CA ILE B 510 -15.18 -18.24 30.58
C ILE B 510 -14.55 -17.24 31.55
N THR B 511 -13.32 -16.82 31.29
CA THR B 511 -12.66 -15.84 32.14
C THR B 511 -12.15 -14.67 31.31
N VAL B 512 -12.74 -13.50 31.52
CA VAL B 512 -12.31 -12.28 30.86
C VAL B 512 -11.14 -11.68 31.62
N ARG B 513 -10.03 -11.45 30.92
CA ARG B 513 -8.81 -10.92 31.54
C ARG B 513 -8.51 -9.46 31.20
N ASP B 514 -9.19 -8.92 30.19
CA ASP B 514 -8.90 -7.58 29.68
C ASP B 514 -10.11 -7.08 28.91
N VAL B 515 -10.42 -5.79 29.04
CA VAL B 515 -11.55 -5.19 28.32
C VAL B 515 -11.21 -3.78 27.84
N SER B 516 -11.29 -3.57 26.53
CA SER B 516 -11.06 -2.26 25.92
C SER B 516 -12.19 -1.92 24.95
N VAL B 517 -12.17 -0.68 24.47
CA VAL B 517 -13.17 -0.23 23.53
C VAL B 517 -12.55 0.07 22.16
N SER B 518 -13.22 -0.42 21.12
CA SER B 518 -13.03 0.10 19.76
C SER B 518 -14.16 1.08 19.56
N ALA B 519 -13.93 2.33 19.94
CA ALA B 519 -14.98 3.34 19.99
C ALA B 519 -15.50 3.72 18.61
N GLY B 520 -14.61 3.79 17.61
CA GLY B 520 -15.03 4.10 16.24
C GLY B 520 -15.77 2.93 15.57
N ALA B 521 -15.35 1.71 15.88
CA ALA B 521 -16.04 0.52 15.38
C ALA B 521 -17.39 0.34 16.08
N GLY B 522 -17.47 0.79 17.32
CA GLY B 522 -18.71 0.73 18.07
C GLY B 522 -18.89 -0.56 18.84
N PHE B 523 -17.79 -1.18 19.26
CA PHE B 523 -17.92 -2.31 20.16
C PHE B 523 -16.81 -2.42 21.20
N ILE B 524 -17.13 -3.13 22.28
CA ILE B 524 -16.21 -3.43 23.37
C ILE B 524 -15.52 -4.77 23.05
N VAL B 525 -14.20 -4.83 23.23
CA VAL B 525 -13.47 -6.08 23.03
C VAL B 525 -13.17 -6.67 24.39
N ALA B 526 -13.62 -7.90 24.61
CA ALA B 526 -13.35 -8.59 25.86
C ALA B 526 -12.44 -9.78 25.59
N VAL B 527 -11.18 -9.67 25.98
CA VAL B 527 -10.21 -10.73 25.73
C VAL B 527 -10.28 -11.79 26.81
N THR B 528 -10.11 -13.05 26.42
CA THR B 528 -10.07 -14.15 27.37
C THR B 528 -8.72 -14.86 27.27
N GLY B 529 -7.66 -14.15 27.65
CA GLY B 529 -6.31 -14.68 27.65
C GLY B 529 -5.35 -13.98 26.70
N ASP B 530 -4.95 -14.70 25.65
CA ASP B 530 -3.93 -14.25 24.72
C ASP B 530 -4.48 -14.25 23.30
N ILE B 531 -4.38 -13.10 22.62
CA ILE B 531 -4.82 -13.00 21.24
C ILE B 531 -3.70 -12.42 20.34
N MET B 532 -3.24 -13.24 19.40
CA MET B 532 -2.13 -12.85 18.53
C MET B 532 -2.57 -11.78 17.54
N LYS B 533 -1.87 -10.67 17.52
CA LYS B 533 -2.19 -9.55 16.64
C LYS B 533 -1.14 -9.34 15.55
N MET B 534 -0.07 -10.12 15.58
CA MET B 534 1.00 -10.00 14.60
C MET B 534 1.72 -11.34 14.46
N PRO B 535 1.40 -12.12 13.40
CA PRO B 535 2.05 -13.43 13.26
C PRO B 535 3.53 -13.37 12.88
N GLY B 536 4.25 -14.43 13.22
CA GLY B 536 5.68 -14.54 12.95
C GLY B 536 5.97 -15.45 11.77
N LEU B 537 7.10 -15.22 11.12
CA LEU B 537 7.56 -16.03 10.02
C LEU B 537 8.12 -17.35 10.54
N PRO B 538 7.88 -18.46 9.82
CA PRO B 538 8.51 -19.72 10.19
C PRO B 538 9.98 -19.75 9.85
N LYS B 539 10.63 -20.83 10.30
CA LYS B 539 12.05 -21.08 10.10
C LYS B 539 12.42 -20.92 8.63
N VAL B 540 11.59 -21.46 7.75
CA VAL B 540 11.77 -21.33 6.31
C VAL B 540 10.56 -20.66 5.68
N PRO B 541 10.60 -19.33 5.55
CA PRO B 541 9.41 -18.66 5.02
C PRO B 541 9.05 -19.09 3.61
N ALA B 542 7.78 -19.02 3.26
CA ALA B 542 7.32 -19.36 1.92
C ALA B 542 7.92 -18.40 0.89
N ALA B 543 8.24 -17.18 1.34
CA ALA B 543 8.93 -16.21 0.49
C ALA B 543 10.16 -16.80 -0.21
N GLU B 544 10.95 -17.57 0.53
CA GLU B 544 12.17 -18.18 -0.04
C GLU B 544 11.97 -18.84 -1.41
N LYS B 545 10.87 -19.54 -1.59
N LYS B 545 10.87 -19.55 -1.60
CA LYS B 545 10.61 -20.26 -2.84
CA LYS B 545 10.63 -20.25 -2.86
C LYS B 545 9.65 -19.55 -3.80
C LYS B 545 9.67 -19.54 -3.81
N ILE B 546 9.30 -18.30 -3.51
CA ILE B 546 8.47 -17.50 -4.43
C ILE B 546 9.42 -16.85 -5.46
N ASP B 547 9.12 -16.99 -6.74
CA ASP B 547 10.02 -16.48 -7.77
C ASP B 547 9.25 -15.81 -8.89
N VAL B 548 9.95 -15.06 -9.73
CA VAL B 548 9.39 -14.48 -10.95
C VAL B 548 10.33 -14.73 -12.12
N ASP B 549 9.77 -15.05 -13.28
CA ASP B 549 10.58 -15.33 -14.48
C ASP B 549 10.74 -14.12 -15.40
N GLU B 550 11.51 -14.31 -16.46
CA GLU B 550 11.77 -13.30 -17.51
C GLU B 550 10.52 -12.50 -17.91
N LYS B 551 9.40 -13.21 -18.08
CA LYS B 551 8.18 -12.61 -18.61
C LYS B 551 7.26 -12.07 -17.53
N GLY B 552 7.66 -12.20 -16.27
CA GLY B 552 6.93 -11.62 -15.15
C GLY B 552 5.87 -12.54 -14.56
N VAL B 553 6.02 -13.84 -14.78
CA VAL B 553 5.06 -14.78 -14.23
C VAL B 553 5.57 -15.27 -12.87
N ILE B 554 4.70 -15.18 -11.88
CA ILE B 554 5.04 -15.51 -10.50
C ILE B 554 4.88 -17.00 -10.27
N SER B 555 5.86 -17.61 -9.61
CA SER B 555 5.80 -19.00 -9.24
C SER B 555 6.05 -19.17 -7.74
N GLY B 556 5.38 -20.12 -7.11
CA GLY B 556 5.72 -20.54 -5.76
C GLY B 556 4.88 -19.98 -4.64
N LEU B 557 3.82 -19.24 -4.97
CA LEU B 557 2.88 -18.77 -3.97
C LEU B 557 2.04 -19.88 -3.36
N PHE B 558 1.84 -20.96 -4.11
CA PHE B 558 0.91 -22.02 -3.71
C PHE B 558 1.55 -23.41 -3.82
#